data_5JYB
#
_entry.id   5JYB
#
_cell.length_a   65.444
_cell.length_b   71.225
_cell.length_c   82.700
_cell.angle_alpha   90.00
_cell.angle_beta   109.19
_cell.angle_gamma   90.00
#
_symmetry.space_group_name_H-M   'P 1 21 1'
#
loop_
_entity.id
_entity.type
_entity.pdbx_description
1 polymer 'MccC family protein'
2 non-polymer 'SULFATE ION'
3 non-polymer 'HEXAETHYLENE GLYCOL'
4 non-polymer '4-(2-HYDROXYETHYL)-1-PIPERAZINE ETHANESULFONIC ACID'
5 non-polymer 'PENTAETHYLENE GLYCOL'
6 non-polymer 2-BUTANOL
7 non-polymer GLYCEROL
8 non-polymer 1,2-ETHANEDIOL
9 water water
#
_entity_poly.entity_id   1
_entity_poly.type   'polypeptide(L)'
_entity_poly.pdbx_seq_one_letter_code
;SNAMLIKPKRLQPGDIVATVSPSWGGAGDSEIRWRYEQGVKRLEEVFGLTVVPMPNSLKGSEFIYNNPQARAEDLMTAFQ
DTRVKAIIANIGGQDSIRLLPYIDFNAIRENPKIFMGYADVTISHLFCHKAGLSSFYGPAILTDFAENVEMDPYTVEMVN
RTLFSNEMIGEIQPAPEWTSERLEWIEINKDTRRTMQQNNGYELLQGSTTVQGRLIGGCIEVLEFAKGTELWPEKKHWED
SILFFATSEDHPEPSYIKYWLRNYAAQGILQKAKGIIFGKPKDEMYYEEYKHEILQVMKEHNLEDLPILYNLNFGATEPK
FILPYGSMAEIDCENGSFSILESGVE
;
_entity_poly.pdbx_strand_id   A,B
#
# COMPACT_ATOMS: atom_id res chain seq x y z
N ALA A 3 24.59 1.75 16.86
CA ALA A 3 23.30 2.41 17.18
C ALA A 3 23.21 3.77 16.50
N MET A 4 22.12 4.00 15.80
CA MET A 4 21.95 5.18 15.00
C MET A 4 21.02 6.18 15.66
N LEU A 5 20.34 5.76 16.73
CA LEU A 5 19.29 6.57 17.32
C LEU A 5 19.64 6.97 18.75
N ILE A 6 19.21 8.17 19.14
CA ILE A 6 19.40 8.65 20.50
C ILE A 6 18.46 7.92 21.43
N LYS A 7 19.01 7.44 22.54
CA LYS A 7 18.24 6.80 23.58
C LYS A 7 17.86 7.82 24.64
N PRO A 8 16.55 7.99 24.91
CA PRO A 8 16.15 9.03 25.86
C PRO A 8 16.31 8.62 27.33
N LYS A 9 16.28 9.59 28.22
CA LYS A 9 16.42 9.34 29.66
C LYS A 9 15.22 8.63 30.28
N ARG A 10 15.50 7.80 31.28
CA ARG A 10 14.45 7.06 32.01
C ARG A 10 13.55 7.98 32.81
N LEU A 11 12.34 7.50 33.04
CA LEU A 11 11.36 8.16 33.89
C LEU A 11 11.53 7.76 35.34
N GLN A 12 11.03 8.61 36.24
CA GLN A 12 10.88 8.28 37.64
C GLN A 12 9.59 8.94 38.11
N PRO A 13 9.00 8.47 39.22
CA PRO A 13 7.84 9.20 39.77
C PRO A 13 8.14 10.67 39.97
N GLY A 14 7.16 11.51 39.65
CA GLY A 14 7.34 12.94 39.75
C GLY A 14 7.58 13.58 38.41
N ASP A 15 8.01 12.78 37.42
CA ASP A 15 8.29 13.33 36.11
C ASP A 15 6.97 13.69 35.46
N ILE A 16 7.01 14.71 34.62
CA ILE A 16 5.85 15.10 33.83
C ILE A 16 5.78 14.37 32.49
N VAL A 17 4.59 13.81 32.21
CA VAL A 17 4.27 13.17 30.93
CA VAL A 17 4.28 13.19 30.93
C VAL A 17 3.22 14.00 30.21
N ALA A 18 3.42 14.24 28.93
CA ALA A 18 2.44 14.96 28.10
C ALA A 18 1.58 13.95 27.37
N THR A 19 0.28 14.19 27.30
CA THR A 19 -0.60 13.37 26.47
C THR A 19 -0.97 14.16 25.21
N VAL A 20 -1.07 13.42 24.11
CA VAL A 20 -1.27 14.01 22.80
C VAL A 20 -2.22 13.16 21.98
N SER A 21 -2.87 13.83 21.03
CA SER A 21 -3.82 13.21 20.10
C SER A 21 -3.41 13.44 18.67
N PRO A 22 -2.39 12.73 18.20
CA PRO A 22 -1.90 12.93 16.82
C PRO A 22 -2.74 12.25 15.75
N SER A 23 -3.59 11.31 16.17
CA SER A 23 -4.37 10.48 15.24
C SER A 23 -5.83 10.79 15.49
N TRP A 24 -6.61 9.85 15.99
CA TRP A 24 -8.03 10.11 16.29
C TRP A 24 -8.16 11.06 17.48
N GLY A 25 -9.12 11.98 17.40
CA GLY A 25 -9.28 13.00 18.46
C GLY A 25 -10.29 12.67 19.55
N GLY A 26 -10.65 11.40 19.68
CA GLY A 26 -11.72 10.99 20.57
C GLY A 26 -11.54 11.26 22.06
N ALA A 27 -10.30 11.40 22.54
CA ALA A 27 -10.07 11.48 23.99
C ALA A 27 -10.89 12.59 24.64
N GLY A 28 -11.09 13.66 23.89
CA GLY A 28 -11.84 14.80 24.36
C GLY A 28 -13.33 14.79 24.06
N ASP A 29 -13.83 13.78 23.35
CA ASP A 29 -15.26 13.72 23.10
C ASP A 29 -16.01 13.54 24.43
N SER A 30 -17.17 14.16 24.57
CA SER A 30 -17.85 14.16 25.87
C SER A 30 -18.06 12.75 26.43
N GLU A 31 -18.37 11.79 25.58
CA GLU A 31 -18.69 10.42 26.00
C GLU A 31 -17.44 9.58 26.33
N ILE A 32 -16.27 10.04 25.92
CA ILE A 32 -15.01 9.32 26.11
C ILE A 32 -14.08 9.97 27.16
N ARG A 33 -14.37 11.21 27.53
CA ARG A 33 -13.48 11.94 28.43
C ARG A 33 -13.23 11.16 29.74
N TRP A 34 -14.23 10.45 30.27
CA TRP A 34 -14.05 9.66 31.48
C TRP A 34 -12.93 8.61 31.28
N ARG A 35 -12.81 8.11 30.07
CA ARG A 35 -11.88 7.04 29.77
C ARG A 35 -10.45 7.59 29.73
N TYR A 36 -10.32 8.77 29.14
CA TYR A 36 -9.08 9.52 29.18
C TYR A 36 -8.68 9.75 30.64
N GLU A 37 -9.62 10.27 31.44
CA GLU A 37 -9.32 10.56 32.84
C GLU A 37 -8.92 9.30 33.60
N GLN A 38 -9.51 8.15 33.26
CA GLN A 38 -9.14 6.91 33.92
C GLN A 38 -7.71 6.48 33.58
N GLY A 39 -7.31 6.57 32.30
CA GLY A 39 -5.93 6.33 31.92
C GLY A 39 -4.94 7.22 32.64
N VAL A 40 -5.23 8.51 32.69
CA VAL A 40 -4.40 9.47 33.41
C VAL A 40 -4.27 9.07 34.88
N LYS A 41 -5.38 8.65 35.51
CA LYS A 41 -5.35 8.24 36.89
C LYS A 41 -4.34 7.11 37.14
N ARG A 42 -4.22 6.19 36.21
CA ARG A 42 -3.23 5.14 36.39
C ARG A 42 -1.80 5.68 36.22
N LEU A 43 -1.59 6.58 35.28
CA LEU A 43 -0.27 7.16 35.16
C LEU A 43 0.12 7.84 36.48
N GLU A 44 -0.84 8.54 37.09
CA GLU A 44 -0.59 9.26 38.31
C GLU A 44 -0.45 8.36 39.54
N GLU A 45 -1.37 7.41 39.70
CA GLU A 45 -1.42 6.59 40.90
C GLU A 45 -0.53 5.36 40.82
N VAL A 46 -0.56 4.64 39.71
CA VAL A 46 0.25 3.43 39.58
C VAL A 46 1.71 3.82 39.35
N PHE A 47 1.99 4.72 38.40
CA PHE A 47 3.38 5.01 38.06
C PHE A 47 3.97 6.21 38.78
N GLY A 48 3.13 7.04 39.41
CA GLY A 48 3.58 8.17 40.19
C GLY A 48 3.89 9.41 39.37
N LEU A 49 3.37 9.46 38.15
CA LEU A 49 3.74 10.49 37.21
C LEU A 49 2.80 11.68 37.33
N THR A 50 3.25 12.83 36.82
CA THR A 50 2.40 14.00 36.66
C THR A 50 2.03 14.07 35.19
N VAL A 51 0.75 14.33 34.91
CA VAL A 51 0.25 14.32 33.54
C VAL A 51 -0.27 15.68 33.10
N VAL A 52 0.13 16.11 31.90
N VAL A 52 0.15 16.12 31.90
CA VAL A 52 -0.39 17.35 31.36
CA VAL A 52 -0.34 17.37 31.33
C VAL A 52 -0.82 17.12 29.90
C VAL A 52 -0.81 17.12 29.89
N PRO A 53 -2.07 17.49 29.57
CA PRO A 53 -2.50 17.32 28.17
C PRO A 53 -2.03 18.50 27.34
N MET A 54 -1.64 18.24 26.10
CA MET A 54 -1.21 19.35 25.25
C MET A 54 -2.45 20.15 24.80
N PRO A 55 -2.25 21.43 24.47
CA PRO A 55 -3.35 22.39 24.33
C PRO A 55 -4.52 21.99 23.41
N ASN A 56 -4.24 21.32 22.31
CA ASN A 56 -5.32 21.00 21.38
C ASN A 56 -5.78 19.57 21.52
N SER A 57 -5.18 18.84 22.44
CA SER A 57 -5.33 17.38 22.43
C SER A 57 -6.69 16.86 22.90
N LEU A 58 -7.46 17.69 23.60
CA LEU A 58 -8.74 17.28 24.15
C LEU A 58 -9.89 18.05 23.53
N LYS A 59 -9.65 18.66 22.37
CA LYS A 59 -10.67 19.45 21.70
C LYS A 59 -11.67 18.60 20.93
N GLY A 60 -11.51 17.28 20.93
CA GLY A 60 -12.54 16.39 20.38
C GLY A 60 -12.30 15.98 18.94
N SER A 61 -13.04 15.00 18.47
CA SER A 61 -12.66 14.32 17.24
C SER A 61 -12.89 15.19 16.01
N GLU A 62 -13.90 16.05 16.01
CA GLU A 62 -14.14 16.91 14.86
C GLU A 62 -13.02 17.93 14.69
N PHE A 63 -12.70 18.63 15.77
CA PHE A 63 -11.62 19.61 15.69
C PHE A 63 -10.31 18.96 15.27
N ILE A 64 -9.96 17.88 15.94
CA ILE A 64 -8.67 17.24 15.68
C ILE A 64 -8.58 16.76 14.21
N TYR A 65 -9.66 16.16 13.71
CA TYR A 65 -9.67 15.71 12.33
C TYR A 65 -9.43 16.88 11.37
N ASN A 66 -10.11 17.99 11.63
CA ASN A 66 -10.01 19.15 10.75
C ASN A 66 -8.73 19.97 10.90
N ASN A 67 -7.92 19.64 11.89
CA ASN A 67 -6.75 20.47 12.21
C ASN A 67 -5.45 19.69 12.40
N PRO A 68 -4.96 19.07 11.34
CA PRO A 68 -3.69 18.34 11.46
C PRO A 68 -2.54 19.25 11.89
N GLN A 69 -2.56 20.53 11.52
CA GLN A 69 -1.51 21.44 11.97
C GLN A 69 -1.53 21.57 13.49
N ALA A 70 -2.72 21.63 14.09
CA ALA A 70 -2.81 21.78 15.54
C ALA A 70 -2.30 20.54 16.26
N ARG A 71 -2.52 19.37 15.68
CA ARG A 71 -1.96 18.12 16.21
C ARG A 71 -0.43 18.17 16.18
N ALA A 72 0.13 18.62 15.07
CA ALA A 72 1.56 18.80 14.96
C ALA A 72 2.08 19.81 15.99
N GLU A 73 1.36 20.92 16.18
CA GLU A 73 1.76 21.90 17.16
C GLU A 73 1.81 21.27 18.55
N ASP A 74 0.86 20.39 18.88
CA ASP A 74 0.87 19.72 20.17
C ASP A 74 2.13 18.88 20.37
N LEU A 75 2.54 18.16 19.32
CA LEU A 75 3.77 17.38 19.38
C LEU A 75 4.99 18.27 19.59
N MET A 76 5.03 19.38 18.85
CA MET A 76 6.17 20.30 18.95
C MET A 76 6.19 20.93 20.32
N THR A 77 5.04 21.36 20.82
CA THR A 77 4.98 21.91 22.17
C THR A 77 5.53 20.94 23.21
N ALA A 78 5.14 19.67 23.11
CA ALA A 78 5.59 18.67 24.07
C ALA A 78 7.11 18.47 23.98
N PHE A 79 7.62 18.36 22.77
CA PHE A 79 9.05 18.14 22.59
C PHE A 79 9.84 19.35 23.07
N GLN A 80 9.36 20.57 22.82
CA GLN A 80 10.13 21.75 23.14
C GLN A 80 10.07 22.16 24.61
N ASP A 81 9.15 21.58 25.37
CA ASP A 81 9.06 21.88 26.80
C ASP A 81 10.01 20.99 27.60
N THR A 82 11.03 21.61 28.17
CA THR A 82 12.08 20.84 28.85
C THR A 82 11.60 20.19 30.14
N ARG A 83 10.44 20.61 30.66
CA ARG A 83 9.86 19.94 31.81
C ARG A 83 9.22 18.59 31.47
N VAL A 84 8.87 18.40 30.20
CA VAL A 84 8.20 17.19 29.73
C VAL A 84 9.22 16.10 29.49
N LYS A 85 9.11 15.00 30.23
CA LYS A 85 10.08 13.90 30.15
C LYS A 85 9.56 12.69 29.31
N ALA A 86 8.27 12.66 29.03
CA ALA A 86 7.72 11.65 28.12
C ALA A 86 6.46 12.13 27.49
N ILE A 87 6.16 11.57 26.34
CA ILE A 87 4.98 11.90 25.57
C ILE A 87 4.28 10.59 25.22
N ILE A 88 3.00 10.48 25.57
CA ILE A 88 2.25 9.26 25.29
C ILE A 88 1.01 9.60 24.48
N ALA A 89 0.83 8.93 23.35
CA ALA A 89 -0.35 9.12 22.54
C ALA A 89 -1.58 8.58 23.26
N ASN A 90 -2.68 9.29 23.08
CA ASN A 90 -3.96 8.85 23.63
C ASN A 90 -4.48 7.59 22.95
N ILE A 91 -4.26 7.51 21.65
CA ILE A 91 -4.90 6.48 20.82
C ILE A 91 -4.35 6.62 19.40
N GLY A 92 -4.51 5.57 18.62
CA GLY A 92 -4.29 5.62 17.18
C GLY A 92 -5.45 6.23 16.40
N GLY A 93 -5.63 5.73 15.19
CA GLY A 93 -6.57 6.29 14.23
C GLY A 93 -6.15 5.91 12.81
N GLN A 94 -6.03 6.88 11.91
CA GLN A 94 -5.68 6.53 10.54
C GLN A 94 -5.08 7.65 9.69
N ASP A 95 -5.10 8.88 10.18
CA ASP A 95 -4.74 10.01 9.30
C ASP A 95 -3.59 10.90 9.79
N SER A 96 -2.79 10.41 10.74
CA SER A 96 -1.71 11.25 11.25
C SER A 96 -0.63 11.51 10.18
N ILE A 97 -0.68 10.77 9.07
CA ILE A 97 0.19 11.09 7.92
C ILE A 97 -0.03 12.56 7.47
N ARG A 98 -1.21 13.12 7.73
CA ARG A 98 -1.52 14.50 7.40
C ARG A 98 -0.73 15.53 8.20
N LEU A 99 -0.06 15.09 9.25
CA LEU A 99 0.77 16.02 10.02
C LEU A 99 2.06 16.39 9.33
N LEU A 100 2.45 15.61 8.32
CA LEU A 100 3.79 15.74 7.73
C LEU A 100 4.23 17.18 7.35
N PRO A 101 3.35 17.98 6.69
CA PRO A 101 3.70 19.38 6.36
C PRO A 101 4.05 20.30 7.52
N TYR A 102 3.69 19.90 8.72
CA TYR A 102 3.75 20.77 9.88
C TYR A 102 4.78 20.36 10.92
N ILE A 103 5.58 19.34 10.63
CA ILE A 103 6.56 18.86 11.58
C ILE A 103 7.89 19.57 11.43
N ASP A 104 8.46 20.01 12.55
CA ASP A 104 9.83 20.51 12.59
C ASP A 104 10.72 19.40 13.14
N PHE A 105 11.41 18.66 12.28
CA PHE A 105 12.18 17.52 12.78
C PHE A 105 13.28 17.94 13.74
N ASN A 106 13.83 19.14 13.56
CA ASN A 106 14.91 19.55 14.44
C ASN A 106 14.42 19.84 15.87
N ALA A 107 13.14 20.16 16.03
CA ALA A 107 12.58 20.34 17.36
C ALA A 107 12.61 19.02 18.12
N ILE A 108 12.45 17.91 17.41
CA ILE A 108 12.53 16.61 18.02
C ILE A 108 13.99 16.27 18.28
N ARG A 109 14.83 16.52 17.28
CA ARG A 109 16.22 16.20 17.39
C ARG A 109 16.87 16.87 18.60
N GLU A 110 16.53 18.14 18.85
CA GLU A 110 17.18 18.90 19.92
C GLU A 110 16.55 18.63 21.30
N ASN A 111 15.50 17.81 21.33
CA ASN A 111 14.78 17.55 22.58
C ASN A 111 14.43 16.08 22.76
N PRO A 112 15.46 15.21 22.82
CA PRO A 112 15.22 13.78 23.01
C PRO A 112 14.46 13.48 24.31
N LYS A 113 13.40 12.71 24.21
CA LYS A 113 12.65 12.24 25.33
C LYS A 113 11.81 11.07 24.85
N ILE A 114 11.19 10.38 25.78
CA ILE A 114 10.34 9.24 25.49
C ILE A 114 9.10 9.65 24.73
N PHE A 115 8.84 8.95 23.63
CA PHE A 115 7.60 9.04 22.88
C PHE A 115 7.01 7.63 22.68
N MET A 116 5.76 7.46 23.03
CA MET A 116 5.15 6.12 22.99
C MET A 116 3.70 6.09 22.51
N GLY A 117 3.39 5.02 21.77
CA GLY A 117 2.07 4.71 21.25
C GLY A 117 2.21 3.62 20.20
N TYR A 118 1.10 3.24 19.54
CA TYR A 118 1.11 2.18 18.55
C TYR A 118 0.05 2.39 17.45
N ALA A 119 0.01 1.46 16.49
CA ALA A 119 -0.96 1.47 15.38
C ALA A 119 -0.73 2.70 14.47
N ASP A 120 -1.70 3.62 14.30
CA ASP A 120 -1.44 4.78 13.44
C ASP A 120 -0.30 5.65 14.00
N VAL A 121 -0.02 5.55 15.29
CA VAL A 121 1.06 6.31 15.89
C VAL A 121 2.44 5.88 15.32
N THR A 122 2.45 4.77 14.57
CA THR A 122 3.59 4.39 13.75
C THR A 122 4.10 5.62 12.98
N ILE A 123 3.21 6.44 12.44
CA ILE A 123 3.62 7.62 11.68
C ILE A 123 4.40 8.59 12.57
N SER A 124 3.91 8.84 13.78
CA SER A 124 4.61 9.69 14.73
C SER A 124 5.95 9.08 15.16
N HIS A 125 6.02 7.77 15.27
CA HIS A 125 7.32 7.13 15.45
C HIS A 125 8.27 7.45 14.31
N LEU A 126 7.80 7.47 13.07
CA LEU A 126 8.66 7.81 11.95
C LEU A 126 9.11 9.27 12.02
N PHE A 127 8.30 10.17 12.59
CA PHE A 127 8.79 11.53 12.82
C PHE A 127 10.02 11.47 13.73
N CYS A 128 9.89 10.75 14.85
CA CYS A 128 11.00 10.64 15.80
C CYS A 128 12.22 9.98 15.15
N HIS A 129 11.95 8.93 14.41
CA HIS A 129 12.98 8.16 13.76
C HIS A 129 13.80 9.05 12.78
N LYS A 130 13.09 9.88 12.02
CA LYS A 130 13.72 10.74 11.03
C LYS A 130 14.62 11.73 11.74
N ALA A 131 14.17 12.18 12.90
CA ALA A 131 14.95 13.10 13.75
C ALA A 131 16.09 12.43 14.49
N GLY A 132 16.18 11.09 14.43
CA GLY A 132 17.29 10.39 15.01
C GLY A 132 17.07 9.96 16.45
N LEU A 133 15.81 9.93 16.84
CA LEU A 133 15.39 9.61 18.23
C LEU A 133 14.75 8.24 18.27
N SER A 134 15.23 7.37 19.16
CA SER A 134 14.53 6.12 19.46
C SER A 134 13.24 6.36 20.25
N SER A 135 12.15 5.89 19.67
CA SER A 135 10.85 5.98 20.30
C SER A 135 10.26 4.57 20.52
N PHE A 136 9.09 4.50 21.14
CA PHE A 136 8.62 3.25 21.76
C PHE A 136 7.29 2.76 21.24
N TYR A 137 7.34 1.64 20.54
CA TYR A 137 6.13 1.01 20.04
C TYR A 137 5.47 0.30 21.24
N GLY A 138 4.39 0.86 21.75
CA GLY A 138 3.92 0.47 23.06
C GLY A 138 2.59 1.10 23.40
N PRO A 139 2.15 0.89 24.64
CA PRO A 139 0.79 1.18 25.06
C PRO A 139 0.43 2.67 24.99
N ALA A 140 -0.88 2.90 24.87
CA ALA A 140 -1.45 4.23 24.72
C ALA A 140 -2.46 4.48 25.85
N ILE A 141 -2.86 5.74 26.03
CA ILE A 141 -3.69 6.09 27.18
C ILE A 141 -5.04 5.36 27.21
N LEU A 142 -5.82 5.45 26.11
CA LEU A 142 -7.21 4.99 26.12
C LEU A 142 -7.34 3.48 26.07
N THR A 143 -6.34 2.82 25.50
CA THR A 143 -6.42 1.39 25.25
C THR A 143 -5.74 0.53 26.31
N ASP A 144 -4.70 1.06 26.94
CA ASP A 144 -3.89 0.26 27.86
C ASP A 144 -3.87 0.83 29.27
N PHE A 145 -3.53 2.10 29.43
CA PHE A 145 -3.50 2.68 30.77
C PHE A 145 -4.91 2.80 31.37
N ALA A 146 -5.94 2.82 30.52
CA ALA A 146 -7.30 3.01 30.96
C ALA A 146 -8.09 1.70 31.01
N GLU A 147 -7.40 0.57 30.92
CA GLU A 147 -8.08 -0.74 31.04
C GLU A 147 -9.01 -0.80 32.25
N ASN A 148 -10.26 -1.24 32.04
CA ASN A 148 -11.23 -1.24 33.13
C ASN A 148 -10.80 -2.07 34.33
N VAL A 149 -11.06 -1.49 35.51
CA VAL A 149 -10.87 -2.11 36.83
C VAL A 149 -9.40 -2.07 37.26
N GLU A 150 -8.49 -2.54 36.42
CA GLU A 150 -7.07 -2.43 36.71
C GLU A 150 -6.27 -2.69 35.45
N MET A 151 -5.08 -2.13 35.41
CA MET A 151 -4.17 -2.41 34.32
C MET A 151 -3.72 -3.87 34.38
N ASP A 152 -3.38 -4.41 33.22
CA ASP A 152 -2.79 -5.75 33.16
C ASP A 152 -1.39 -5.72 33.75
N PRO A 153 -1.09 -6.61 34.71
CA PRO A 153 0.24 -6.58 35.32
C PRO A 153 1.38 -6.81 34.31
N TYR A 154 1.11 -7.49 33.19
CA TYR A 154 2.13 -7.67 32.15
C TYR A 154 2.52 -6.32 31.53
N THR A 155 1.53 -5.51 31.16
CA THR A 155 1.79 -4.18 30.60
C THR A 155 2.52 -3.31 31.61
N VAL A 156 2.15 -3.40 32.88
CA VAL A 156 2.80 -2.59 33.91
C VAL A 156 4.27 -3.00 34.04
N GLU A 157 4.52 -4.29 34.13
CA GLU A 157 5.88 -4.81 34.21
C GLU A 157 6.73 -4.27 33.06
N MET A 158 6.20 -4.38 31.85
CA MET A 158 6.94 -3.94 30.69
C MET A 158 7.17 -2.43 30.62
N VAL A 159 6.24 -1.61 31.09
CA VAL A 159 6.54 -0.19 31.22
C VAL A 159 7.68 0.03 32.22
N ASN A 160 7.65 -0.68 33.36
CA ASN A 160 8.74 -0.57 34.33
C ASN A 160 10.08 -0.94 33.69
N ARG A 161 10.12 -2.09 33.00
CA ARG A 161 11.38 -2.60 32.47
C ARG A 161 11.92 -1.75 31.33
N THR A 162 11.03 -1.10 30.59
CA THR A 162 11.47 -0.39 29.40
C THR A 162 11.73 1.08 29.61
N LEU A 163 10.95 1.71 30.48
CA LEU A 163 10.98 3.17 30.61
C LEU A 163 11.49 3.69 31.96
N PHE A 164 11.51 2.84 32.99
CA PHE A 164 11.88 3.29 34.34
C PHE A 164 13.21 2.73 34.83
N SER A 165 13.81 1.85 34.04
CA SER A 165 15.06 1.19 34.37
C SER A 165 16.06 1.27 33.24
N ASN A 166 17.32 1.59 33.56
CA ASN A 166 18.38 1.56 32.55
C ASN A 166 19.15 0.26 32.53
N GLU A 167 18.57 -0.79 33.12
CA GLU A 167 19.13 -2.13 33.04
C GLU A 167 18.70 -2.79 31.74
N MET A 168 19.52 -3.70 31.22
CA MET A 168 19.16 -4.44 30.01
C MET A 168 17.76 -5.01 30.14
N ILE A 169 16.94 -4.84 29.10
CA ILE A 169 15.58 -5.37 29.13
C ILE A 169 15.58 -6.92 29.24
N GLY A 170 16.32 -7.58 28.37
CA GLY A 170 16.47 -9.03 28.42
C GLY A 170 15.34 -9.78 27.75
N GLU A 171 15.08 -11.01 28.20
CA GLU A 171 14.12 -11.85 27.51
C GLU A 171 12.69 -11.39 27.73
N ILE A 172 11.93 -11.37 26.65
CA ILE A 172 10.53 -11.01 26.71
C ILE A 172 9.74 -12.29 26.77
N GLN A 173 9.25 -12.63 27.95
CA GLN A 173 8.41 -13.81 28.12
C GLN A 173 7.02 -13.52 27.56
N PRO A 174 6.31 -14.55 27.06
CA PRO A 174 4.96 -14.28 26.60
C PRO A 174 4.03 -14.01 27.77
N ALA A 175 2.97 -13.25 27.50
CA ALA A 175 1.93 -13.02 28.50
C ALA A 175 1.14 -14.31 28.74
N PRO A 176 0.58 -14.46 29.95
CA PRO A 176 -0.20 -15.67 30.27
C PRO A 176 -1.60 -15.70 29.62
N GLU A 177 -2.15 -14.51 29.39
CA GLU A 177 -3.47 -14.35 28.83
C GLU A 177 -3.52 -13.12 27.94
N TRP A 178 -4.51 -13.07 27.08
CA TRP A 178 -4.70 -11.92 26.20
C TRP A 178 -6.18 -11.62 26.02
N THR A 179 -6.48 -10.43 25.52
CA THR A 179 -7.84 -10.11 25.12
C THR A 179 -7.87 -9.11 23.98
N SER A 180 -8.94 -9.13 23.21
CA SER A 180 -9.27 -7.98 22.37
C SER A 180 -10.78 -7.82 22.34
N GLU A 181 -11.41 -8.16 23.46
CA GLU A 181 -12.88 -8.08 23.56
C GLU A 181 -13.39 -6.66 23.41
N ARG A 182 -14.46 -6.51 22.65
CA ARG A 182 -15.11 -5.23 22.49
C ARG A 182 -16.00 -4.96 23.69
N LEU A 183 -15.64 -3.93 24.43
CA LEU A 183 -16.42 -3.46 25.56
C LEU A 183 -16.44 -1.95 25.40
N GLU A 184 -17.58 -1.42 25.01
CA GLU A 184 -17.63 0.00 24.66
C GLU A 184 -17.16 0.89 25.79
N TRP A 185 -16.60 2.03 25.40
CA TRP A 185 -16.03 2.97 26.37
C TRP A 185 -17.13 3.90 26.89
N ILE A 186 -18.15 3.26 27.46
CA ILE A 186 -19.29 3.89 28.11
C ILE A 186 -18.98 3.83 29.59
N GLU A 187 -19.15 4.93 30.32
CA GLU A 187 -18.69 5.02 31.71
C GLU A 187 -19.39 4.03 32.61
N ILE A 188 -20.64 3.68 32.31
CA ILE A 188 -21.30 2.71 33.19
C ILE A 188 -20.77 1.29 32.94
N ASN A 189 -19.83 1.14 32.00
CA ASN A 189 -19.12 -0.14 31.82
C ASN A 189 -17.81 -0.23 32.61
N LYS A 190 -17.42 0.85 33.29
CA LYS A 190 -16.09 0.93 33.88
C LYS A 190 -15.78 -0.13 34.94
N ASP A 191 -16.81 -0.72 35.55
CA ASP A 191 -16.66 -1.74 36.59
C ASP A 191 -16.63 -3.15 36.01
N THR A 192 -16.72 -3.26 34.68
CA THR A 192 -16.69 -4.54 34.00
C THR A 192 -15.30 -4.86 33.47
N ARG A 193 -14.74 -5.97 33.93
CA ARG A 193 -13.48 -6.50 33.39
C ARG A 193 -13.70 -7.12 32.04
N ARG A 194 -12.78 -6.89 31.12
CA ARG A 194 -12.86 -7.62 29.88
C ARG A 194 -12.45 -9.07 30.12
N THR A 195 -13.08 -9.98 29.38
CA THR A 195 -12.78 -11.40 29.43
C THR A 195 -11.45 -11.72 28.78
N MET A 196 -10.65 -12.53 29.48
CA MET A 196 -9.33 -12.92 29.00
C MET A 196 -9.35 -14.34 28.41
N GLN A 197 -8.41 -14.57 27.50
CA GLN A 197 -8.20 -15.84 26.83
C GLN A 197 -6.83 -16.37 27.23
N GLN A 198 -6.68 -17.68 27.31
CA GLN A 198 -5.36 -18.25 27.53
C GLN A 198 -4.47 -17.96 26.35
N ASN A 199 -3.26 -17.47 26.65
CA ASN A 199 -2.22 -17.28 25.65
C ASN A 199 -1.27 -18.47 25.66
N ASN A 200 -0.85 -18.93 24.48
CA ASN A 200 -0.03 -20.11 24.39
C ASN A 200 1.41 -19.86 23.97
N GLY A 201 1.81 -18.60 23.87
CA GLY A 201 3.21 -18.30 23.64
C GLY A 201 3.63 -18.27 22.17
N TYR A 202 4.92 -18.07 21.94
CA TYR A 202 5.39 -17.80 20.58
C TYR A 202 5.39 -19.04 19.69
N GLU A 203 5.28 -18.83 18.38
CA GLU A 203 5.43 -19.89 17.40
C GLU A 203 6.56 -19.55 16.43
N LEU A 204 7.45 -20.50 16.19
CA LEU A 204 8.52 -20.28 15.24
C LEU A 204 8.04 -20.74 13.88
N LEU A 205 7.94 -19.84 12.92
CA LEU A 205 7.42 -20.23 11.60
C LEU A 205 8.50 -20.82 10.71
N GLN A 206 9.71 -20.32 10.88
CA GLN A 206 10.86 -20.81 10.14
C GLN A 206 12.12 -20.23 10.76
N GLY A 207 13.26 -20.82 10.43
CA GLY A 207 14.54 -20.40 10.96
C GLY A 207 15.19 -21.49 11.83
N SER A 208 16.50 -21.50 11.89
CA SER A 208 17.18 -22.47 12.75
C SER A 208 18.46 -21.90 13.37
N THR A 209 18.52 -20.59 13.49
CA THR A 209 19.69 -19.89 14.01
C THR A 209 19.32 -18.85 15.07
N THR A 210 20.29 -18.43 15.85
CA THR A 210 20.11 -17.32 16.76
C THR A 210 20.68 -16.08 16.10
N VAL A 211 19.86 -15.05 15.97
CA VAL A 211 20.23 -13.86 15.24
C VAL A 211 19.96 -12.63 16.07
N GLN A 212 20.74 -11.58 15.84
CA GLN A 212 20.45 -10.32 16.50
C GLN A 212 20.54 -9.17 15.51
N GLY A 213 19.70 -8.16 15.73
CA GLY A 213 19.68 -7.00 14.89
C GLY A 213 18.80 -5.92 15.49
N ARG A 214 18.87 -4.72 14.93
CA ARG A 214 18.17 -3.58 15.53
C ARG A 214 16.75 -3.47 15.02
N LEU A 215 15.87 -3.21 15.96
CA LEU A 215 14.44 -3.19 15.69
C LEU A 215 13.95 -2.04 14.81
N ILE A 216 13.18 -2.39 13.78
CA ILE A 216 12.45 -1.39 12.99
C ILE A 216 11.17 -2.02 12.42
N GLY A 217 10.13 -1.22 12.28
CA GLY A 217 8.82 -1.69 11.89
C GLY A 217 7.70 -0.87 12.47
N GLY A 218 6.60 -1.55 12.77
CA GLY A 218 5.38 -0.93 13.27
C GLY A 218 4.15 -1.68 12.81
N CYS A 219 3.05 -0.96 12.74
CA CYS A 219 1.82 -1.49 12.21
C CYS A 219 1.98 -1.62 10.70
N ILE A 220 1.83 -2.84 10.18
CA ILE A 220 2.15 -3.08 8.78
C ILE A 220 1.19 -2.33 7.85
N GLU A 221 -0.08 -2.17 8.22
CA GLU A 221 -0.96 -1.37 7.38
C GLU A 221 -0.54 0.09 7.32
N VAL A 222 -0.13 0.63 8.47
CA VAL A 222 0.18 2.06 8.56
C VAL A 222 1.52 2.37 7.89
N LEU A 223 2.45 1.43 7.95
CA LEU A 223 3.75 1.62 7.29
C LEU A 223 3.53 1.85 5.80
N GLU A 224 2.52 1.21 5.21
CA GLU A 224 2.21 1.45 3.79
C GLU A 224 1.94 2.95 3.53
N PHE A 225 1.34 3.63 4.50
CA PHE A 225 1.00 5.04 4.35
C PHE A 225 2.24 5.91 4.11
N ALA A 226 3.41 5.45 4.58
CA ALA A 226 4.63 6.26 4.51
C ALA A 226 5.56 5.81 3.37
N LYS A 227 5.24 4.72 2.70
CA LYS A 227 6.10 4.24 1.62
C LYS A 227 6.16 5.25 0.47
N GLY A 228 7.36 5.48 -0.05
CA GLY A 228 7.55 6.43 -1.11
C GLY A 228 7.56 7.87 -0.65
N THR A 229 7.44 8.10 0.65
CA THR A 229 7.42 9.48 1.16
C THR A 229 8.73 9.85 1.81
N GLU A 230 8.91 11.14 2.08
CA GLU A 230 10.12 11.60 2.72
C GLU A 230 10.21 11.11 4.17
N LEU A 231 9.13 10.56 4.68
CA LEU A 231 9.11 10.01 6.01
C LEU A 231 9.73 8.61 6.09
N TRP A 232 9.95 7.96 4.97
CA TRP A 232 10.43 6.59 4.98
C TRP A 232 11.90 6.53 5.43
N PRO A 233 12.23 5.65 6.38
CA PRO A 233 13.62 5.58 6.88
C PRO A 233 14.63 5.27 5.79
N GLU A 234 15.77 5.95 5.86
CA GLU A 234 16.81 5.79 4.86
C GLU A 234 17.46 4.40 4.95
N LYS A 235 18.17 4.04 3.90
CA LYS A 235 18.64 2.68 3.69
C LYS A 235 19.40 2.10 4.87
N LYS A 236 20.21 2.91 5.54
CA LYS A 236 21.09 2.38 6.58
C LYS A 236 20.29 1.76 7.72
N HIS A 237 19.07 2.23 7.93
CA HIS A 237 18.26 1.78 9.05
C HIS A 237 17.72 0.38 8.83
N TRP A 238 17.75 -0.11 7.59
CA TRP A 238 17.21 -1.42 7.29
C TRP A 238 18.26 -2.53 7.29
N GLU A 239 19.53 -2.15 7.31
CA GLU A 239 20.64 -3.11 7.30
C GLU A 239 20.66 -3.95 8.58
N ASP A 240 20.66 -5.27 8.43
CA ASP A 240 20.80 -6.19 9.56
C ASP A 240 19.78 -5.90 10.65
N SER A 241 18.54 -5.72 10.22
CA SER A 241 17.46 -5.36 11.10
C SER A 241 16.79 -6.58 11.73
N ILE A 242 16.06 -6.38 12.83
CA ILE A 242 14.97 -7.28 13.19
C ILE A 242 13.71 -6.49 12.88
N LEU A 243 12.98 -6.94 11.88
CA LEU A 243 11.71 -6.33 11.52
C LEU A 243 10.62 -6.72 12.50
N PHE A 244 9.79 -5.75 12.90
CA PHE A 244 8.62 -6.06 13.70
C PHE A 244 7.36 -5.52 13.02
N PHE A 245 6.43 -6.44 12.83
CA PHE A 245 5.12 -6.11 12.23
C PHE A 245 3.92 -6.52 13.07
N ALA A 246 2.95 -5.62 13.20
CA ALA A 246 1.66 -5.95 13.80
C ALA A 246 0.54 -5.57 12.84
N THR A 247 -0.53 -6.35 12.82
CA THR A 247 -1.74 -6.02 12.08
C THR A 247 -2.70 -5.29 13.02
N SER A 248 -3.61 -4.50 12.46
N SER A 248 -3.61 -4.49 12.46
CA SER A 248 -4.47 -3.65 13.27
CA SER A 248 -4.46 -3.63 13.29
C SER A 248 -5.88 -4.18 13.42
C SER A 248 -5.88 -4.15 13.38
N GLU A 249 -6.75 -3.34 13.97
CA GLU A 249 -8.08 -3.77 14.33
C GLU A 249 -9.02 -3.97 13.16
N ASP A 250 -8.61 -3.55 11.96
CA ASP A 250 -9.51 -3.75 10.83
C ASP A 250 -9.29 -5.10 10.14
N HIS A 251 -8.42 -5.92 10.72
CA HIS A 251 -8.18 -7.29 10.25
C HIS A 251 -7.92 -7.34 8.75
N PRO A 252 -6.77 -6.85 8.31
CA PRO A 252 -6.49 -6.84 6.86
C PRO A 252 -6.56 -8.27 6.28
N GLU A 253 -7.17 -8.39 5.11
CA GLU A 253 -7.31 -9.71 4.50
C GLU A 253 -5.92 -10.29 4.24
N PRO A 254 -5.78 -11.60 4.30
CA PRO A 254 -4.46 -12.22 4.13
C PRO A 254 -3.72 -11.84 2.85
N SER A 255 -4.45 -11.68 1.75
N SER A 255 -4.43 -11.67 1.75
CA SER A 255 -3.84 -11.28 0.48
CA SER A 255 -3.78 -11.29 0.51
C SER A 255 -3.02 -10.00 0.65
C SER A 255 -3.00 -9.99 0.64
N TYR A 256 -3.50 -9.04 1.44
CA TYR A 256 -2.75 -7.80 1.64
C TYR A 256 -1.42 -8.02 2.36
N ILE A 257 -1.39 -8.93 3.33
CA ILE A 257 -0.13 -9.23 4.04
C ILE A 257 0.87 -9.76 2.99
N LYS A 258 0.40 -10.61 2.08
CA LYS A 258 1.23 -11.09 0.97
C LYS A 258 1.73 -9.90 0.12
N TYR A 259 0.83 -9.00 -0.28
CA TYR A 259 1.18 -7.90 -1.19
C TYR A 259 2.19 -6.98 -0.52
N TRP A 260 1.97 -6.68 0.75
CA TRP A 260 2.85 -5.78 1.46
C TRP A 260 4.25 -6.38 1.65
N LEU A 261 4.32 -7.66 2.00
CA LEU A 261 5.61 -8.33 2.12
C LEU A 261 6.33 -8.44 0.78
N ARG A 262 5.59 -8.66 -0.32
CA ARG A 262 6.21 -8.69 -1.63
C ARG A 262 6.89 -7.35 -1.92
N ASN A 263 6.27 -6.25 -1.48
CA ASN A 263 6.88 -4.94 -1.69
C ASN A 263 8.14 -4.77 -0.82
N TYR A 264 8.11 -5.25 0.43
CA TYR A 264 9.32 -5.22 1.27
C TYR A 264 10.43 -6.02 0.57
N ALA A 265 10.07 -7.08 -0.14
CA ALA A 265 11.06 -7.82 -0.90
C ALA A 265 11.58 -6.98 -2.06
N ALA A 266 10.67 -6.32 -2.79
CA ALA A 266 11.05 -5.54 -3.96
C ALA A 266 11.93 -4.36 -3.57
N GLN A 267 11.76 -3.87 -2.34
CA GLN A 267 12.58 -2.79 -1.81
C GLN A 267 13.97 -3.24 -1.36
N GLY A 268 14.16 -4.55 -1.25
CA GLY A 268 15.39 -5.10 -0.69
C GLY A 268 15.41 -5.21 0.83
N ILE A 269 14.29 -4.91 1.47
CA ILE A 269 14.27 -4.89 2.94
C ILE A 269 14.30 -6.28 3.53
N LEU A 270 13.57 -7.23 2.95
CA LEU A 270 13.57 -8.58 3.51
C LEU A 270 14.94 -9.22 3.42
N GLN A 271 15.67 -8.95 2.34
CA GLN A 271 17.00 -9.49 2.11
C GLN A 271 18.03 -8.95 3.11
N LYS A 272 17.75 -7.78 3.67
CA LYS A 272 18.66 -7.14 4.61
C LYS A 272 18.36 -7.54 6.07
N ALA A 273 17.20 -8.16 6.29
CA ALA A 273 16.75 -8.49 7.62
C ALA A 273 17.49 -9.69 8.22
N LYS A 274 17.77 -9.59 9.52
CA LYS A 274 18.32 -10.73 10.24
C LYS A 274 17.17 -11.66 10.73
N GLY A 275 15.99 -11.08 10.89
CA GLY A 275 14.83 -11.79 11.42
C GLY A 275 13.57 -10.94 11.44
N ILE A 276 12.43 -11.58 11.67
CA ILE A 276 11.16 -10.87 11.71
C ILE A 276 10.35 -11.38 12.89
N ILE A 277 9.65 -10.48 13.56
CA ILE A 277 8.67 -10.86 14.59
C ILE A 277 7.32 -10.27 14.24
N PHE A 278 6.28 -11.05 14.50
CA PHE A 278 4.90 -10.66 14.25
C PHE A 278 4.07 -10.63 15.51
N GLY A 279 3.25 -9.60 15.64
CA GLY A 279 2.34 -9.52 16.77
C GLY A 279 1.10 -10.39 16.58
N LYS A 280 0.48 -10.78 17.68
CA LYS A 280 -0.79 -11.52 17.65
C LYS A 280 -1.83 -10.70 16.90
N PRO A 281 -2.51 -11.30 15.89
CA PRO A 281 -3.56 -10.50 15.26
C PRO A 281 -4.74 -10.22 16.17
N LYS A 282 -5.46 -9.13 15.94
CA LYS A 282 -6.65 -8.84 16.71
C LYS A 282 -7.65 -9.98 16.58
N ASP A 283 -8.20 -10.40 17.74
CA ASP A 283 -9.13 -11.49 17.83
C ASP A 283 -8.57 -12.81 17.32
N GLU A 284 -7.25 -12.87 17.12
CA GLU A 284 -6.60 -13.97 16.39
C GLU A 284 -7.28 -14.24 15.03
N MET A 285 -7.91 -13.23 14.44
CA MET A 285 -8.50 -13.39 13.12
C MET A 285 -7.38 -13.51 12.09
N TYR A 286 -7.51 -14.54 11.26
CA TYR A 286 -6.52 -14.90 10.21
C TYR A 286 -5.22 -15.40 10.78
N TYR A 287 -5.25 -15.85 12.03
CA TYR A 287 -4.05 -16.38 12.67
C TYR A 287 -3.29 -17.39 11.79
N GLU A 288 -3.98 -18.42 11.29
CA GLU A 288 -3.34 -19.43 10.46
C GLU A 288 -3.11 -18.93 9.03
N GLU A 289 -4.05 -18.15 8.52
CA GLU A 289 -3.96 -17.69 7.14
C GLU A 289 -2.78 -16.74 6.91
N TYR A 290 -2.47 -15.90 7.88
CA TYR A 290 -1.34 -14.98 7.71
C TYR A 290 -0.04 -15.80 7.60
N LYS A 291 0.07 -16.84 8.43
CA LYS A 291 1.24 -17.73 8.36
C LYS A 291 1.51 -18.20 6.94
N HIS A 292 0.45 -18.69 6.30
CA HIS A 292 0.55 -19.17 4.93
C HIS A 292 1.12 -18.12 3.98
N GLU A 293 0.59 -16.90 4.05
CA GLU A 293 1.09 -15.81 3.19
C GLU A 293 2.55 -15.46 3.49
N ILE A 294 2.90 -15.39 4.77
CA ILE A 294 4.25 -15.04 5.17
C ILE A 294 5.21 -16.08 4.60
N LEU A 295 4.90 -17.34 4.78
CA LEU A 295 5.79 -18.41 4.34
C LEU A 295 5.91 -18.48 2.82
N GLN A 296 4.83 -18.19 2.11
CA GLN A 296 4.86 -18.12 0.66
C GLN A 296 5.78 -17.02 0.14
N VAL A 297 5.68 -15.83 0.72
CA VAL A 297 6.51 -14.73 0.23
C VAL A 297 7.98 -15.06 0.51
N MET A 298 8.27 -15.65 1.66
CA MET A 298 9.67 -16.03 1.91
C MET A 298 10.17 -17.07 0.91
N LYS A 299 9.32 -18.03 0.56
CA LYS A 299 9.71 -19.03 -0.40
C LYS A 299 9.96 -18.40 -1.78
N GLU A 300 9.10 -17.45 -2.13
CA GLU A 300 9.21 -16.76 -3.42
C GLU A 300 10.54 -16.03 -3.59
N HIS A 301 11.14 -15.60 -2.48
CA HIS A 301 12.32 -14.76 -2.58
C HIS A 301 13.55 -15.38 -1.93
N ASN A 302 13.56 -16.71 -1.86
N ASN A 302 13.57 -16.71 -1.87
CA ASN A 302 14.69 -17.50 -1.38
CA ASN A 302 14.71 -17.48 -1.36
C ASN A 302 15.13 -17.12 0.03
C ASN A 302 15.13 -17.10 0.05
N LEU A 303 14.14 -16.93 0.91
CA LEU A 303 14.40 -16.53 2.29
C LEU A 303 13.80 -17.52 3.29
N GLU A 304 13.82 -18.80 2.96
CA GLU A 304 13.20 -19.82 3.80
C GLU A 304 13.91 -20.08 5.12
N ASP A 305 15.14 -19.58 5.26
CA ASP A 305 15.90 -19.71 6.51
C ASP A 305 15.89 -18.47 7.39
N LEU A 306 15.16 -17.44 6.98
CA LEU A 306 15.09 -16.20 7.74
C LEU A 306 14.28 -16.46 9.02
N PRO A 307 14.88 -16.26 10.21
CA PRO A 307 14.07 -16.52 11.41
C PRO A 307 12.83 -15.63 11.51
N ILE A 308 11.70 -16.28 11.76
CA ILE A 308 10.43 -15.57 11.90
C ILE A 308 9.66 -16.10 13.10
N LEU A 309 9.39 -15.21 14.04
CA LEU A 309 8.68 -15.55 15.25
C LEU A 309 7.29 -14.90 15.22
N TYR A 310 6.29 -15.66 15.69
CA TYR A 310 4.89 -15.30 15.52
C TYR A 310 4.17 -15.37 16.86
N ASN A 311 3.08 -14.61 16.97
CA ASN A 311 2.18 -14.63 18.14
C ASN A 311 2.77 -13.93 19.36
N LEU A 312 3.59 -12.91 19.14
CA LEU A 312 4.11 -12.11 20.27
C LEU A 312 3.05 -11.14 20.79
N ASN A 313 3.18 -10.74 22.06
CA ASN A 313 2.24 -9.80 22.66
C ASN A 313 2.60 -8.33 22.40
N PHE A 314 2.63 -7.95 21.14
CA PHE A 314 2.60 -6.54 20.76
C PHE A 314 1.60 -6.45 19.63
N GLY A 315 1.11 -5.25 19.35
CA GLY A 315 0.13 -5.06 18.30
C GLY A 315 -1.22 -4.71 18.85
N ALA A 316 -2.25 -5.26 18.23
CA ALA A 316 -3.63 -4.82 18.46
C ALA A 316 -4.32 -5.42 19.68
N THR A 317 -3.75 -6.46 20.29
CA THR A 317 -4.35 -7.05 21.48
C THR A 317 -3.70 -6.53 22.75
N GLU A 318 -4.36 -6.79 23.87
CA GLU A 318 -3.82 -6.53 25.20
C GLU A 318 -3.54 -7.86 25.91
N PRO A 319 -2.49 -7.93 26.75
CA PRO A 319 -1.55 -6.88 27.10
C PRO A 319 -0.41 -6.77 26.10
N LYS A 320 0.54 -5.89 26.41
CA LYS A 320 1.63 -5.52 25.49
C LYS A 320 2.96 -5.40 26.16
N PHE A 321 4.03 -5.75 25.45
CA PHE A 321 5.35 -5.29 25.84
C PHE A 321 5.71 -4.14 24.90
N ILE A 322 6.91 -3.60 25.06
CA ILE A 322 7.33 -2.39 24.37
C ILE A 322 8.57 -2.62 23.50
N LEU A 323 8.50 -2.19 22.25
CA LEU A 323 9.63 -2.30 21.33
C LEU A 323 10.27 -0.93 21.13
N PRO A 324 11.51 -0.73 21.66
CA PRO A 324 12.21 0.53 21.34
C PRO A 324 12.82 0.50 19.95
N TYR A 325 12.52 1.47 19.10
CA TYR A 325 13.10 1.49 17.77
C TYR A 325 14.62 1.53 17.85
N GLY A 326 15.25 0.72 17.01
CA GLY A 326 16.71 0.74 16.88
C GLY A 326 17.47 0.00 17.95
N SER A 327 16.78 -0.53 18.96
CA SER A 327 17.45 -1.30 20.01
C SER A 327 17.81 -2.69 19.47
N MET A 328 18.92 -3.23 19.96
CA MET A 328 19.39 -4.55 19.55
C MET A 328 18.52 -5.62 20.16
N ALA A 329 18.04 -6.52 19.33
CA ALA A 329 17.15 -7.58 19.76
C ALA A 329 17.63 -8.92 19.24
N GLU A 330 17.08 -10.00 19.78
CA GLU A 330 17.53 -11.36 19.47
C GLU A 330 16.36 -12.31 19.29
N ILE A 331 16.39 -13.08 18.20
CA ILE A 331 15.53 -14.23 18.01
C ILE A 331 16.37 -15.50 18.16
N ASP A 332 16.00 -16.35 19.13
CA ASP A 332 16.67 -17.63 19.36
C ASP A 332 15.72 -18.73 18.90
N CYS A 333 15.97 -19.26 17.72
CA CYS A 333 15.06 -20.24 17.13
C CYS A 333 15.00 -21.53 17.94
N GLU A 334 16.16 -22.02 18.37
CA GLU A 334 16.22 -23.27 19.11
C GLU A 334 15.39 -23.20 20.37
N ASN A 335 15.35 -22.03 21.02
CA ASN A 335 14.64 -21.87 22.27
C ASN A 335 13.29 -21.18 22.07
N GLY A 336 13.03 -20.74 20.83
CA GLY A 336 11.80 -20.05 20.51
C GLY A 336 11.62 -18.78 21.32
N SER A 337 12.72 -18.06 21.58
CA SER A 337 12.68 -16.89 22.47
C SER A 337 12.99 -15.59 21.76
N PHE A 338 12.53 -14.49 22.38
CA PHE A 338 12.78 -13.13 21.89
C PHE A 338 13.34 -12.31 23.04
N SER A 339 14.42 -11.57 22.79
CA SER A 339 15.06 -10.76 23.82
C SER A 339 15.47 -9.40 23.28
N ILE A 340 15.53 -8.42 24.17
CA ILE A 340 16.03 -7.11 23.80
C ILE A 340 17.31 -6.96 24.60
N LEU A 341 18.41 -6.75 23.89
CA LEU A 341 19.73 -6.92 24.46
C LEU A 341 20.38 -5.62 24.97
N GLU A 342 19.56 -4.63 25.24
CA GLU A 342 20.00 -3.41 25.88
C GLU A 342 18.84 -2.74 26.62
N SER A 343 19.11 -1.66 27.33
CA SER A 343 18.04 -0.91 27.99
C SER A 343 17.23 -0.12 26.97
N GLY A 344 16.01 0.23 27.35
CA GLY A 344 15.19 1.05 26.47
C GLY A 344 15.50 2.51 26.67
N VAL A 345 16.03 2.84 27.85
CA VAL A 345 16.28 4.21 28.27
C VAL A 345 17.62 4.31 28.98
N GLU A 346 18.14 5.53 29.11
CA GLU A 346 19.40 5.78 29.78
C GLU A 346 19.25 6.12 31.26
N ALA B 3 8.80 15.96 -23.57
CA ALA B 3 8.45 14.54 -23.30
C ALA B 3 9.69 13.76 -22.90
N MET B 4 9.50 12.83 -21.97
CA MET B 4 10.60 12.02 -21.44
C MET B 4 10.51 10.58 -21.91
N LEU B 5 9.45 10.28 -22.67
CA LEU B 5 9.19 8.92 -23.08
C LEU B 5 9.18 8.85 -24.60
N ILE B 6 9.85 7.83 -25.11
CA ILE B 6 9.85 7.53 -26.53
C ILE B 6 8.48 7.02 -26.96
N LYS B 7 7.98 7.57 -28.07
CA LYS B 7 6.76 7.11 -28.71
C LYS B 7 7.12 6.06 -29.75
N PRO B 8 6.55 4.83 -29.62
CA PRO B 8 6.89 3.76 -30.55
C PRO B 8 6.22 3.89 -31.92
N LYS B 9 6.70 3.12 -32.88
CA LYS B 9 6.18 3.20 -34.24
C LYS B 9 4.81 2.56 -34.41
N ARG B 10 4.02 3.19 -35.27
CA ARG B 10 2.70 2.71 -35.70
C ARG B 10 2.69 1.24 -36.10
N LEU B 11 1.69 0.51 -35.63
CA LEU B 11 1.44 -0.86 -36.05
C LEU B 11 0.61 -0.82 -37.33
N GLN B 12 0.84 -1.78 -38.21
CA GLN B 12 -0.04 -1.95 -39.37
C GLN B 12 -0.26 -3.42 -39.71
N PRO B 13 -1.34 -3.70 -40.46
CA PRO B 13 -1.58 -5.07 -40.91
C PRO B 13 -0.33 -5.67 -41.55
N GLY B 14 -0.09 -6.94 -41.27
CA GLY B 14 1.08 -7.62 -41.78
C GLY B 14 2.21 -7.66 -40.77
N ASP B 15 2.12 -6.82 -39.75
CA ASP B 15 3.16 -6.76 -38.72
C ASP B 15 3.07 -7.96 -37.76
N ILE B 16 4.20 -8.27 -37.14
CA ILE B 16 4.25 -9.33 -36.13
C ILE B 16 4.06 -8.77 -34.73
N VAL B 17 3.17 -9.41 -33.97
CA VAL B 17 2.94 -9.08 -32.56
CA VAL B 17 2.95 -9.07 -32.56
C VAL B 17 3.29 -10.29 -31.71
N ALA B 18 3.96 -10.04 -30.59
CA ALA B 18 4.34 -11.08 -29.64
C ALA B 18 3.32 -11.08 -28.52
N THR B 19 2.97 -12.27 -28.03
CA THR B 19 2.13 -12.40 -26.84
C THR B 19 2.99 -12.93 -25.70
N VAL B 20 2.73 -12.40 -24.51
CA VAL B 20 3.52 -12.72 -23.32
C VAL B 20 2.64 -12.94 -22.09
N SER B 21 3.18 -13.70 -21.14
CA SER B 21 2.50 -13.99 -19.87
C SER B 21 3.34 -13.53 -18.69
N PRO B 22 3.37 -12.20 -18.42
CA PRO B 22 4.22 -11.65 -17.37
C PRO B 22 3.62 -11.79 -15.98
N SER B 23 2.32 -12.06 -15.93
CA SER B 23 1.59 -12.13 -14.66
C SER B 23 1.04 -13.55 -14.47
N TRP B 24 -0.27 -13.74 -14.52
CA TRP B 24 -0.82 -15.11 -14.43
C TRP B 24 -0.52 -15.89 -15.71
N GLY B 25 -0.16 -17.14 -15.56
CA GLY B 25 0.21 -17.96 -16.70
C GLY B 25 -0.88 -18.87 -17.26
N GLY B 26 -2.17 -18.53 -17.05
CA GLY B 26 -3.23 -19.43 -17.42
C GLY B 26 -3.48 -19.62 -18.92
N ALA B 27 -2.94 -18.74 -19.76
CA ALA B 27 -3.22 -18.81 -21.20
C ALA B 27 -2.89 -20.18 -21.78
N GLY B 28 -1.85 -20.80 -21.26
CA GLY B 28 -1.47 -22.12 -21.73
C GLY B 28 -2.10 -23.30 -21.01
N ASP B 29 -2.91 -23.06 -19.97
CA ASP B 29 -3.57 -24.17 -19.29
C ASP B 29 -4.55 -24.86 -20.22
N SER B 30 -4.66 -26.18 -20.08
CA SER B 30 -5.37 -26.98 -21.08
C SER B 30 -6.80 -26.50 -21.33
N GLU B 31 -7.49 -26.06 -20.28
CA GLU B 31 -8.90 -25.66 -20.41
C GLU B 31 -9.06 -24.19 -20.84
N ILE B 32 -7.96 -23.45 -20.84
CA ILE B 32 -7.97 -22.01 -21.19
C ILE B 32 -7.41 -21.78 -22.60
N ARG B 33 -6.68 -22.76 -23.12
CA ARG B 33 -5.95 -22.56 -24.37
C ARG B 33 -6.87 -22.15 -25.50
N TRP B 34 -8.08 -22.72 -25.59
CA TRP B 34 -9.04 -22.34 -26.63
C TRP B 34 -9.31 -20.83 -26.62
N ARG B 35 -9.24 -20.23 -25.43
CA ARG B 35 -9.58 -18.83 -25.26
C ARG B 35 -8.44 -17.95 -25.75
N TYR B 36 -7.20 -18.36 -25.43
CA TYR B 36 -6.02 -17.72 -26.00
C TYR B 36 -6.11 -17.74 -27.54
N GLU B 37 -6.38 -18.93 -28.10
CA GLU B 37 -6.51 -19.08 -29.56
C GLU B 37 -7.61 -18.20 -30.17
N GLN B 38 -8.69 -17.97 -29.42
CA GLN B 38 -9.76 -17.11 -29.90
C GLN B 38 -9.28 -15.68 -30.00
N GLY B 39 -8.54 -15.21 -29.00
CA GLY B 39 -7.94 -13.88 -29.05
C GLY B 39 -6.96 -13.74 -30.21
N VAL B 40 -6.11 -14.75 -30.41
CA VAL B 40 -5.15 -14.76 -31.51
C VAL B 40 -5.88 -14.66 -32.86
N LYS B 41 -7.00 -15.37 -32.98
CA LYS B 41 -7.79 -15.30 -34.21
C LYS B 41 -8.27 -13.88 -34.55
N ARG B 42 -8.62 -13.08 -33.56
CA ARG B 42 -9.07 -11.71 -33.85
C ARG B 42 -7.87 -10.83 -34.22
N LEU B 43 -6.73 -11.02 -33.58
CA LEU B 43 -5.53 -10.28 -33.96
C LEU B 43 -5.20 -10.57 -35.43
N GLU B 44 -5.39 -11.81 -35.85
CA GLU B 44 -5.12 -12.20 -37.23
C GLU B 44 -6.16 -11.68 -38.20
N GLU B 45 -7.42 -11.88 -37.88
CA GLU B 45 -8.47 -11.63 -38.85
C GLU B 45 -8.98 -10.19 -38.84
N VAL B 46 -9.11 -9.60 -37.67
CA VAL B 46 -9.61 -8.24 -37.58
C VAL B 46 -8.51 -7.22 -37.92
N PHE B 47 -7.32 -7.44 -37.36
CA PHE B 47 -6.24 -6.46 -37.47
C PHE B 47 -5.17 -6.84 -38.49
N GLY B 48 -5.23 -8.06 -38.99
CA GLY B 48 -4.29 -8.49 -40.01
C GLY B 48 -2.89 -8.80 -39.54
N LEU B 49 -2.74 -9.11 -38.25
CA LEU B 49 -1.43 -9.29 -37.66
C LEU B 49 -1.02 -10.76 -37.67
N THR B 50 0.30 -10.98 -37.66
CA THR B 50 0.89 -12.29 -37.42
C THR B 50 1.29 -12.35 -35.97
N VAL B 51 0.89 -13.42 -35.29
CA VAL B 51 1.05 -13.54 -33.84
C VAL B 51 2.05 -14.61 -33.49
N VAL B 52 2.98 -14.29 -32.61
CA VAL B 52 3.95 -15.26 -32.15
CA VAL B 52 3.98 -15.24 -32.14
C VAL B 52 4.00 -15.25 -30.62
N PRO B 53 3.74 -16.42 -30.00
CA PRO B 53 3.88 -16.49 -28.55
C PRO B 53 5.35 -16.57 -28.13
N MET B 54 5.75 -15.89 -27.06
CA MET B 54 7.12 -15.99 -26.61
C MET B 54 7.34 -17.36 -25.95
N PRO B 55 8.59 -17.83 -25.92
CA PRO B 55 8.89 -19.24 -25.63
C PRO B 55 8.27 -19.82 -24.36
N ASN B 56 8.19 -19.05 -23.30
CA ASN B 56 7.71 -19.56 -22.02
C ASN B 56 6.24 -19.24 -21.75
N SER B 57 5.63 -18.49 -22.66
CA SER B 57 4.38 -17.80 -22.35
C SER B 57 3.17 -18.75 -22.26
N LEU B 58 3.27 -19.91 -22.87
CA LEU B 58 2.15 -20.85 -22.88
C LEU B 58 2.46 -22.13 -22.12
N LYS B 59 3.42 -22.07 -21.20
CA LYS B 59 3.81 -23.24 -20.42
C LYS B 59 2.88 -23.53 -19.23
N GLY B 60 1.89 -22.69 -19.02
CA GLY B 60 0.89 -22.92 -17.98
C GLY B 60 1.17 -22.19 -16.68
N SER B 61 0.18 -22.21 -15.79
CA SER B 61 0.19 -21.29 -14.66
C SER B 61 1.16 -21.75 -13.57
N GLU B 62 1.36 -23.06 -13.43
CA GLU B 62 2.28 -23.56 -12.41
C GLU B 62 3.71 -23.16 -12.76
N PHE B 63 4.13 -23.47 -13.99
CA PHE B 63 5.46 -23.09 -14.47
C PHE B 63 5.68 -21.58 -14.37
N ILE B 64 4.72 -20.81 -14.88
CA ILE B 64 4.86 -19.37 -14.96
C ILE B 64 5.01 -18.76 -13.55
N TYR B 65 4.20 -19.23 -12.61
CA TYR B 65 4.29 -18.74 -11.23
C TYR B 65 5.67 -19.02 -10.63
N ASN B 66 6.19 -20.23 -10.84
CA ASN B 66 7.44 -20.64 -10.25
C ASN B 66 8.66 -20.07 -10.95
N ASN B 67 8.47 -19.39 -12.08
CA ASN B 67 9.58 -18.95 -12.92
C ASN B 67 9.47 -17.50 -13.39
N PRO B 68 9.50 -16.55 -12.43
CA PRO B 68 9.51 -15.12 -12.79
C PRO B 68 10.67 -14.78 -13.75
N GLN B 69 11.82 -15.44 -13.59
CA GLN B 69 12.93 -15.19 -14.49
C GLN B 69 12.56 -15.55 -15.95
N ALA B 70 11.92 -16.69 -16.18
CA ALA B 70 11.48 -17.05 -17.53
C ALA B 70 10.46 -16.05 -18.10
N ARG B 71 9.59 -15.50 -17.25
CA ARG B 71 8.68 -14.46 -17.70
C ARG B 71 9.46 -13.24 -18.18
N ALA B 72 10.48 -12.85 -17.41
CA ALA B 72 11.28 -11.68 -17.77
C ALA B 72 12.03 -11.95 -19.07
N GLU B 73 12.52 -13.17 -19.24
CA GLU B 73 13.21 -13.55 -20.45
C GLU B 73 12.29 -13.42 -21.66
N ASP B 74 11.02 -13.79 -21.50
CA ASP B 74 10.06 -13.68 -22.59
C ASP B 74 9.90 -12.22 -23.01
N LEU B 75 9.87 -11.32 -22.03
CA LEU B 75 9.77 -9.90 -22.35
C LEU B 75 11.00 -9.43 -23.11
N MET B 76 12.18 -9.83 -22.62
CA MET B 76 13.41 -9.44 -23.28
C MET B 76 13.48 -9.99 -24.71
N THR B 77 13.14 -11.27 -24.89
CA THR B 77 13.09 -11.87 -26.20
C THR B 77 12.23 -11.06 -27.18
N ALA B 78 11.05 -10.66 -26.73
CA ALA B 78 10.13 -9.91 -27.57
C ALA B 78 10.68 -8.53 -27.89
N PHE B 79 11.24 -7.84 -26.91
CA PHE B 79 11.84 -6.53 -27.19
C PHE B 79 13.07 -6.61 -28.11
N GLN B 80 13.92 -7.63 -27.95
CA GLN B 80 15.16 -7.69 -28.71
C GLN B 80 15.00 -8.23 -30.14
N ASP B 81 13.86 -8.86 -30.44
CA ASP B 81 13.59 -9.31 -31.80
C ASP B 81 13.03 -8.15 -32.63
N THR B 82 13.82 -7.70 -33.60
CA THR B 82 13.47 -6.52 -34.38
C THR B 82 12.29 -6.80 -35.33
N ARG B 83 11.92 -8.06 -35.51
CA ARG B 83 10.75 -8.38 -36.34
C ARG B 83 9.45 -8.12 -35.60
N VAL B 84 9.53 -8.07 -34.27
CA VAL B 84 8.35 -7.86 -33.44
C VAL B 84 8.04 -6.38 -33.32
N LYS B 85 6.85 -5.99 -33.74
CA LYS B 85 6.42 -4.59 -33.77
C LYS B 85 5.51 -4.20 -32.61
N ALA B 86 4.93 -5.19 -31.93
CA ALA B 86 4.15 -4.91 -30.73
C ALA B 86 4.12 -6.13 -29.83
N ILE B 87 3.87 -5.88 -28.55
CA ILE B 87 3.81 -6.91 -27.53
C ILE B 87 2.53 -6.73 -26.75
N ILE B 88 1.72 -7.77 -26.63
CA ILE B 88 0.47 -7.67 -25.89
C ILE B 88 0.44 -8.75 -24.83
N ALA B 89 0.12 -8.33 -23.59
CA ALA B 89 -0.01 -9.25 -22.48
C ALA B 89 -1.27 -10.09 -22.61
N ASN B 90 -1.14 -11.36 -22.26
CA ASN B 90 -2.28 -12.24 -22.28
C ASN B 90 -3.34 -11.89 -21.24
N ILE B 91 -2.89 -11.45 -20.07
CA ILE B 91 -3.75 -11.32 -18.90
CA ILE B 91 -3.76 -11.25 -18.93
C ILE B 91 -2.93 -10.71 -17.75
N GLY B 92 -3.63 -10.16 -16.77
CA GLY B 92 -2.99 -9.71 -15.54
C GLY B 92 -2.79 -10.86 -14.57
N GLY B 93 -2.83 -10.53 -13.29
CA GLY B 93 -2.49 -11.45 -12.25
C GLY B 93 -2.19 -10.65 -10.99
N GLN B 94 -1.10 -10.95 -10.32
CA GLN B 94 -0.78 -10.23 -9.08
C GLN B 94 0.69 -10.18 -8.70
N ASP B 95 1.57 -10.91 -9.38
CA ASP B 95 2.93 -11.08 -8.86
C ASP B 95 4.03 -10.70 -9.83
N SER B 96 3.72 -9.92 -10.87
CA SER B 96 4.78 -9.58 -11.81
C SER B 96 5.83 -8.63 -11.20
N ILE B 97 5.56 -8.08 -10.02
CA ILE B 97 6.60 -7.32 -9.29
C ILE B 97 7.83 -8.20 -9.09
N ARG B 98 7.63 -9.51 -9.06
CA ARG B 98 8.72 -10.48 -8.89
C ARG B 98 9.70 -10.51 -10.06
N LEU B 99 9.31 -9.97 -11.20
CA LEU B 99 10.21 -9.91 -12.35
C LEU B 99 11.31 -8.86 -12.18
N LEU B 100 11.14 -7.94 -11.24
CA LEU B 100 12.01 -6.76 -11.18
C LEU B 100 13.52 -7.04 -11.27
N PRO B 101 14.02 -7.99 -10.47
CA PRO B 101 15.48 -8.15 -10.53
C PRO B 101 16.02 -8.78 -11.80
N TYR B 102 15.14 -9.21 -12.70
CA TYR B 102 15.54 -9.95 -13.89
C TYR B 102 15.40 -9.11 -15.17
N ILE B 103 14.88 -7.90 -15.04
CA ILE B 103 14.64 -7.06 -16.21
C ILE B 103 15.91 -6.36 -16.69
N ASP B 104 16.18 -6.46 -17.99
CA ASP B 104 17.23 -5.65 -18.61
C ASP B 104 16.59 -4.41 -19.20
N PHE B 105 16.70 -3.30 -18.48
CA PHE B 105 16.07 -2.06 -18.90
C PHE B 105 16.68 -1.52 -20.19
N ASN B 106 17.98 -1.76 -20.37
N ASN B 106 17.99 -1.75 -20.37
CA ASN B 106 18.69 -1.33 -21.56
CA ASN B 106 18.65 -1.31 -21.59
C ASN B 106 18.10 -1.98 -22.80
C ASN B 106 18.03 -1.96 -22.81
N ALA B 107 17.68 -3.23 -22.67
CA ALA B 107 17.12 -3.97 -23.79
C ALA B 107 15.80 -3.35 -24.21
N ILE B 108 15.00 -2.89 -23.26
CA ILE B 108 13.79 -2.18 -23.60
C ILE B 108 14.13 -0.82 -24.23
N ARG B 109 15.04 -0.08 -23.63
CA ARG B 109 15.34 1.26 -24.13
C ARG B 109 15.83 1.24 -25.58
N GLU B 110 16.64 0.26 -25.92
CA GLU B 110 17.20 0.14 -27.26
C GLU B 110 16.24 -0.40 -28.31
N ASN B 111 15.09 -0.94 -27.89
CA ASN B 111 14.13 -1.54 -28.81
C ASN B 111 12.71 -1.02 -28.57
N PRO B 112 12.51 0.30 -28.71
CA PRO B 112 11.16 0.82 -28.50
C PRO B 112 10.13 0.22 -29.46
N LYS B 113 8.99 -0.20 -28.93
CA LYS B 113 7.90 -0.77 -29.70
C LYS B 113 6.70 -0.79 -28.79
N ILE B 114 5.52 -0.99 -29.36
CA ILE B 114 4.29 -1.07 -28.60
C ILE B 114 4.28 -2.19 -27.56
N PHE B 115 3.90 -1.83 -26.33
CA PHE B 115 3.66 -2.79 -25.26
C PHE B 115 2.32 -2.45 -24.61
N MET B 116 1.43 -3.43 -24.50
CA MET B 116 0.04 -3.16 -24.06
C MET B 116 -0.52 -4.23 -23.13
N GLY B 117 -1.32 -3.77 -22.16
CA GLY B 117 -2.06 -4.61 -21.21
C GLY B 117 -2.55 -3.76 -20.05
N TYR B 118 -3.15 -4.36 -19.03
CA TYR B 118 -3.65 -3.59 -17.89
C TYR B 118 -3.64 -4.40 -16.58
N ALA B 119 -4.14 -3.78 -15.50
CA ALA B 119 -4.21 -4.39 -14.16
C ALA B 119 -2.79 -4.71 -13.62
N ASP B 120 -2.48 -5.96 -13.28
CA ASP B 120 -1.12 -6.25 -12.81
C ASP B 120 -0.07 -5.87 -13.85
N VAL B 121 -0.47 -5.80 -15.11
CA VAL B 121 0.48 -5.47 -16.16
C VAL B 121 0.98 -4.02 -15.99
N THR B 122 0.32 -3.27 -15.11
CA THR B 122 0.85 -1.98 -14.63
C THR B 122 2.35 -2.08 -14.31
N ILE B 123 2.74 -3.20 -13.69
CA ILE B 123 4.14 -3.38 -13.30
C ILE B 123 5.03 -3.41 -14.54
N SER B 124 4.60 -4.17 -15.54
CA SER B 124 5.34 -4.20 -16.81
C SER B 124 5.37 -2.84 -17.52
N HIS B 125 4.31 -2.07 -17.39
CA HIS B 125 4.35 -0.70 -17.87
C HIS B 125 5.40 0.11 -17.16
N LEU B 126 5.53 -0.12 -15.85
CA LEU B 126 6.54 0.60 -15.14
C LEU B 126 7.93 0.18 -15.60
N PHE B 127 8.11 -1.07 -16.01
CA PHE B 127 9.40 -1.44 -16.59
C PHE B 127 9.69 -0.57 -17.82
N CYS B 128 8.72 -0.48 -18.72
CA CYS B 128 8.89 0.30 -19.95
C CYS B 128 9.18 1.77 -19.62
N HIS B 129 8.40 2.28 -18.67
CA HIS B 129 8.47 3.67 -18.25
C HIS B 129 9.87 4.03 -17.73
N LYS B 130 10.45 3.15 -16.94
CA LYS B 130 11.77 3.35 -16.38
C LYS B 130 12.85 3.29 -17.47
N ALA B 131 12.60 2.50 -18.51
CA ALA B 131 13.50 2.39 -19.66
C ALA B 131 13.33 3.58 -20.60
N GLY B 132 12.32 4.40 -20.36
CA GLY B 132 12.10 5.60 -21.14
C GLY B 132 11.19 5.43 -22.34
N LEU B 133 10.34 4.40 -22.29
CA LEU B 133 9.40 4.05 -23.36
C LEU B 133 7.96 4.30 -22.95
N SER B 134 7.21 4.97 -23.80
CA SER B 134 5.76 5.11 -23.60
C SER B 134 5.08 3.80 -23.98
N SER B 135 4.35 3.22 -23.03
CA SER B 135 3.59 2.00 -23.28
C SER B 135 2.09 2.27 -23.05
N PHE B 136 1.26 1.23 -23.22
CA PHE B 136 -0.18 1.48 -23.42
C PHE B 136 -1.05 0.76 -22.41
N TYR B 137 -1.69 1.54 -21.55
CA TYR B 137 -2.65 0.94 -20.60
C TYR B 137 -3.92 0.58 -21.41
N GLY B 138 -4.16 -0.70 -21.63
CA GLY B 138 -5.09 -1.10 -22.68
C GLY B 138 -5.39 -2.58 -22.69
N PRO B 139 -6.17 -3.02 -23.69
CA PRO B 139 -6.70 -4.37 -23.70
C PRO B 139 -5.66 -5.47 -23.78
N ALA B 140 -6.05 -6.63 -23.28
CA ALA B 140 -5.23 -7.84 -23.23
C ALA B 140 -5.87 -8.99 -24.02
N ILE B 141 -5.09 -10.03 -24.31
CA ILE B 141 -5.57 -11.09 -25.18
C ILE B 141 -6.81 -11.79 -24.63
N LEU B 142 -6.73 -12.33 -23.41
CA LEU B 142 -7.77 -13.22 -22.93
C LEU B 142 -9.06 -12.47 -22.56
N THR B 143 -8.92 -11.22 -22.15
CA THR B 143 -10.05 -10.44 -21.64
C THR B 143 -10.77 -9.60 -22.68
N ASP B 144 -10.05 -9.20 -23.74
CA ASP B 144 -10.58 -8.22 -24.68
C ASP B 144 -10.56 -8.74 -26.11
N PHE B 145 -9.41 -9.21 -26.58
CA PHE B 145 -9.33 -9.70 -27.96
C PHE B 145 -10.08 -11.03 -28.11
N ALA B 146 -10.28 -11.73 -26.99
CA ALA B 146 -10.94 -13.03 -27.01
C ALA B 146 -12.42 -12.97 -26.59
N GLU B 147 -13.01 -11.77 -26.51
CA GLU B 147 -14.44 -11.65 -26.20
C GLU B 147 -15.29 -12.61 -27.04
N ASN B 148 -16.16 -13.37 -26.37
CA ASN B 148 -17.02 -14.29 -27.08
C ASN B 148 -17.84 -13.65 -28.17
N VAL B 149 -17.89 -14.34 -29.31
CA VAL B 149 -18.75 -14.05 -30.46
C VAL B 149 -18.13 -12.97 -31.32
N GLU B 150 -17.78 -11.84 -30.72
CA GLU B 150 -17.05 -10.80 -31.43
C GLU B 150 -16.47 -9.80 -30.46
N MET B 151 -15.41 -9.12 -30.88
CA MET B 151 -14.89 -8.02 -30.10
C MET B 151 -15.89 -6.87 -30.05
N ASP B 152 -15.81 -6.11 -28.99
CA ASP B 152 -16.63 -4.93 -28.86
C ASP B 152 -16.10 -3.88 -29.82
N PRO B 153 -16.97 -3.29 -30.67
CA PRO B 153 -16.50 -2.29 -31.63
C PRO B 153 -15.79 -1.09 -30.99
N TYR B 154 -16.14 -0.79 -29.75
CA TYR B 154 -15.49 0.33 -29.05
C TYR B 154 -14.01 0.02 -28.80
N THR B 155 -13.73 -1.18 -28.31
CA THR B 155 -12.36 -1.60 -28.07
C THR B 155 -11.59 -1.66 -29.38
N VAL B 156 -12.22 -2.19 -30.43
CA VAL B 156 -11.59 -2.21 -31.75
C VAL B 156 -11.23 -0.80 -32.22
N GLU B 157 -12.17 0.12 -32.15
CA GLU B 157 -11.95 1.50 -32.55
C GLU B 157 -10.77 2.14 -31.84
N MET B 158 -10.69 1.93 -30.52
CA MET B 158 -9.66 2.58 -29.74
C MET B 158 -8.28 1.96 -30.00
N VAL B 159 -8.23 0.66 -30.28
CA VAL B 159 -6.98 0.03 -30.72
C VAL B 159 -6.53 0.69 -32.04
N ASN B 160 -7.46 0.84 -32.98
CA ASN B 160 -7.11 1.43 -34.27
C ASN B 160 -6.65 2.89 -34.15
N ARG B 161 -7.41 3.70 -33.42
CA ARG B 161 -7.08 5.11 -33.25
C ARG B 161 -5.77 5.34 -32.50
N THR B 162 -5.41 4.43 -31.59
CA THR B 162 -4.26 4.64 -30.73
C THR B 162 -2.97 4.03 -31.30
N LEU B 163 -3.09 2.86 -31.92
CA LEU B 163 -1.92 2.09 -32.34
C LEU B 163 -1.73 2.02 -33.86
N PHE B 164 -2.81 2.21 -34.63
CA PHE B 164 -2.73 2.05 -36.10
C PHE B 164 -2.74 3.34 -36.90
N SER B 165 -2.66 4.48 -36.23
CA SER B 165 -2.63 5.77 -36.91
C SER B 165 -1.79 6.75 -36.14
N ASN B 166 -1.04 7.60 -36.83
CA ASN B 166 -0.32 8.66 -36.14
C ASN B 166 -1.08 10.00 -36.13
N GLU B 167 -2.38 9.95 -36.43
CA GLU B 167 -3.26 11.11 -36.26
C GLU B 167 -3.51 11.36 -34.77
N MET B 168 -3.67 12.62 -34.38
CA MET B 168 -4.04 12.92 -32.99
C MET B 168 -5.24 12.08 -32.58
N ILE B 169 -5.21 11.54 -31.37
CA ILE B 169 -6.27 10.67 -30.90
C ILE B 169 -7.58 11.46 -30.73
N GLY B 170 -7.51 12.59 -30.03
CA GLY B 170 -8.65 13.46 -29.85
C GLY B 170 -9.57 13.06 -28.71
N GLU B 171 -10.83 13.47 -28.82
CA GLU B 171 -11.79 13.22 -27.75
C GLU B 171 -12.09 11.75 -27.61
N ILE B 172 -12.12 11.30 -26.36
CA ILE B 172 -12.52 9.95 -26.04
C ILE B 172 -13.96 10.02 -25.58
N GLN B 173 -14.85 9.54 -26.44
CA GLN B 173 -16.28 9.50 -26.11
C GLN B 173 -16.54 8.27 -25.24
N PRO B 174 -17.56 8.31 -24.39
CA PRO B 174 -17.87 7.12 -23.60
C PRO B 174 -18.45 5.99 -24.45
N ALA B 175 -18.25 4.75 -24.01
CA ALA B 175 -18.92 3.60 -24.61
C ALA B 175 -20.40 3.62 -24.32
N PRO B 176 -21.21 3.06 -25.24
CA PRO B 176 -22.67 3.07 -25.08
C PRO B 176 -23.14 2.04 -24.05
N GLU B 177 -22.38 0.97 -23.91
CA GLU B 177 -22.71 -0.11 -22.99
C GLU B 177 -21.44 -0.65 -22.38
N TRP B 178 -21.58 -1.36 -21.26
CA TRP B 178 -20.42 -1.96 -20.59
C TRP B 178 -20.82 -3.33 -20.01
N THR B 179 -19.82 -4.14 -19.70
CA THR B 179 -20.08 -5.38 -18.99
C THR B 179 -18.92 -5.77 -18.11
N SER B 180 -19.20 -6.50 -17.04
CA SER B 180 -18.13 -7.21 -16.34
C SER B 180 -18.71 -8.52 -15.86
N GLU B 181 -19.60 -9.09 -16.67
CA GLU B 181 -20.26 -10.35 -16.32
C GLU B 181 -19.24 -11.49 -16.26
N ARG B 182 -19.45 -12.40 -15.32
CA ARG B 182 -18.60 -13.56 -15.15
C ARG B 182 -19.10 -14.72 -15.99
N LEU B 183 -18.55 -14.87 -17.19
CA LEU B 183 -18.85 -16.01 -18.03
C LEU B 183 -17.56 -16.80 -18.18
N GLU B 184 -17.50 -17.96 -17.53
CA GLU B 184 -16.24 -18.70 -17.42
C GLU B 184 -15.66 -19.04 -18.80
N TRP B 185 -14.34 -19.00 -18.87
CA TRP B 185 -13.58 -19.33 -20.08
C TRP B 185 -13.48 -20.85 -20.31
N ILE B 186 -14.65 -21.47 -20.36
CA ILE B 186 -14.83 -22.86 -20.68
C ILE B 186 -15.41 -22.89 -22.10
N GLU B 187 -14.86 -23.72 -22.97
CA GLU B 187 -15.17 -23.68 -24.39
C GLU B 187 -16.64 -23.94 -24.72
N ILE B 188 -17.34 -24.72 -23.89
CA ILE B 188 -18.78 -24.93 -24.10
C ILE B 188 -19.57 -23.60 -24.08
N ASN B 189 -18.98 -22.58 -23.47
CA ASN B 189 -19.59 -21.24 -23.40
C ASN B 189 -19.25 -20.33 -24.56
N LYS B 190 -18.43 -20.78 -25.49
CA LYS B 190 -17.82 -19.84 -26.42
C LYS B 190 -18.84 -19.06 -27.27
N ASP B 191 -20.03 -19.60 -27.50
CA ASP B 191 -21.00 -18.90 -28.36
C ASP B 191 -21.97 -18.05 -27.57
N THR B 192 -21.75 -17.93 -26.28
CA THR B 192 -22.63 -17.13 -25.44
C THR B 192 -22.04 -15.71 -25.36
N ARG B 193 -22.80 -14.72 -25.82
CA ARG B 193 -22.44 -13.31 -25.61
C ARG B 193 -22.62 -12.91 -24.15
N ARG B 194 -21.73 -12.10 -23.63
CA ARG B 194 -21.94 -11.57 -22.28
C ARG B 194 -23.03 -10.51 -22.30
N THR B 195 -23.79 -10.46 -21.22
CA THR B 195 -24.88 -9.52 -21.08
C THR B 195 -24.34 -8.11 -20.88
N MET B 196 -24.86 -7.15 -21.65
CA MET B 196 -24.40 -5.77 -21.54
C MET B 196 -25.35 -4.92 -20.68
N GLN B 197 -24.77 -3.89 -20.07
CA GLN B 197 -25.47 -2.90 -19.27
C GLN B 197 -25.42 -1.58 -20.00
N GLN B 198 -26.45 -0.75 -19.84
CA GLN B 198 -26.42 0.59 -20.42
C GLN B 198 -25.37 1.44 -19.68
N ASN B 199 -24.64 2.26 -20.41
CA ASN B 199 -23.67 3.16 -19.79
C ASN B 199 -24.16 4.62 -19.78
N ASN B 200 -23.94 5.32 -18.68
CA ASN B 200 -24.45 6.67 -18.51
C ASN B 200 -23.43 7.78 -18.78
N GLY B 201 -22.19 7.42 -19.13
CA GLY B 201 -21.19 8.43 -19.46
C GLY B 201 -20.44 8.95 -18.25
N TYR B 202 -19.55 9.92 -18.49
CA TYR B 202 -18.63 10.40 -17.46
C TYR B 202 -19.38 11.22 -16.43
N GLU B 203 -18.84 11.24 -15.22
CA GLU B 203 -19.35 12.10 -14.16
C GLU B 203 -18.22 13.00 -13.68
N LEU B 204 -18.47 14.31 -13.68
CA LEU B 204 -17.51 15.25 -13.12
C LEU B 204 -17.68 15.31 -11.60
N LEU B 205 -16.67 14.91 -10.85
CA LEU B 205 -16.78 14.91 -9.39
C LEU B 205 -16.50 16.28 -8.79
N GLN B 206 -15.53 16.98 -9.37
CA GLN B 206 -15.21 18.34 -8.99
C GLN B 206 -14.37 19.01 -10.09
N GLY B 207 -14.20 20.32 -9.99
CA GLY B 207 -13.40 21.06 -10.96
C GLY B 207 -14.27 21.97 -11.80
N SER B 208 -13.71 23.08 -12.25
CA SER B 208 -14.46 24.02 -13.06
C SER B 208 -13.60 24.60 -14.18
N THR B 209 -12.50 23.95 -14.49
CA THR B 209 -11.56 24.46 -15.49
C THR B 209 -11.23 23.42 -16.54
N THR B 210 -10.57 23.87 -17.60
CA THR B 210 -10.03 22.97 -18.60
C THR B 210 -8.53 22.86 -18.42
N VAL B 211 -8.03 21.64 -18.24
CA VAL B 211 -6.64 21.46 -17.88
C VAL B 211 -6.00 20.43 -18.80
N GLN B 212 -4.68 20.56 -18.98
CA GLN B 212 -3.91 19.63 -19.79
C GLN B 212 -2.73 19.15 -18.99
N GLY B 213 -2.38 17.86 -19.11
CA GLY B 213 -1.21 17.31 -18.49
C GLY B 213 -0.90 15.91 -19.01
N ARG B 214 0.29 15.41 -18.70
CA ARG B 214 0.72 14.12 -19.23
C ARG B 214 0.28 12.97 -18.34
N LEU B 215 -0.23 11.94 -19.00
CA LEU B 215 -0.82 10.78 -18.35
C LEU B 215 0.16 9.88 -17.63
N ILE B 216 -0.16 9.58 -16.38
CA ILE B 216 0.59 8.61 -15.62
C ILE B 216 -0.35 7.99 -14.59
N GLY B 217 -0.15 6.72 -14.30
CA GLY B 217 -1.05 6.04 -13.42
C GLY B 217 -1.09 4.55 -13.72
N GLY B 218 -2.27 3.96 -13.56
CA GLY B 218 -2.48 2.54 -13.80
C GLY B 218 -3.48 1.94 -12.83
N CYS B 219 -3.35 0.66 -12.54
CA CYS B 219 -4.23 0.05 -11.58
C CYS B 219 -3.79 0.48 -10.18
N ILE B 220 -4.70 1.08 -9.42
CA ILE B 220 -4.32 1.73 -8.17
C ILE B 220 -3.83 0.71 -7.13
N GLU B 221 -4.44 -0.47 -7.08
CA GLU B 221 -3.96 -1.52 -6.16
C GLU B 221 -2.54 -1.94 -6.50
N VAL B 222 -2.26 -2.05 -7.79
CA VAL B 222 -0.97 -2.59 -8.27
C VAL B 222 0.14 -1.54 -8.14
N LEU B 223 -0.20 -0.28 -8.30
CA LEU B 223 0.80 0.77 -8.18
C LEU B 223 1.39 0.71 -6.76
N GLU B 224 0.57 0.32 -5.78
CA GLU B 224 1.04 0.20 -4.40
C GLU B 224 2.26 -0.73 -4.35
N PHE B 225 2.25 -1.77 -5.19
CA PHE B 225 3.31 -2.78 -5.18
C PHE B 225 4.68 -2.20 -5.48
N ALA B 226 4.70 -1.08 -6.19
CA ALA B 226 5.95 -0.49 -6.67
C ALA B 226 6.40 0.69 -5.82
N LYS B 227 5.55 1.15 -4.90
CA LYS B 227 5.91 2.33 -4.11
C LYS B 227 7.13 2.04 -3.23
N GLY B 228 8.04 3.02 -3.15
CA GLY B 228 9.28 2.89 -2.42
C GLY B 228 10.30 1.97 -3.05
N THR B 229 10.03 1.48 -4.26
CA THR B 229 11.00 0.66 -4.98
C THR B 229 11.72 1.47 -6.05
N GLU B 230 12.80 0.91 -6.56
CA GLU B 230 13.51 1.55 -7.68
C GLU B 230 12.67 1.58 -8.97
N LEU B 231 11.54 0.88 -8.98
CA LEU B 231 10.66 0.90 -10.13
C LEU B 231 9.74 2.12 -10.16
N TRP B 232 9.64 2.83 -9.05
CA TRP B 232 8.75 3.99 -8.99
C TRP B 232 9.25 5.12 -9.89
N PRO B 233 8.38 5.66 -10.76
CA PRO B 233 8.82 6.75 -11.66
C PRO B 233 9.41 7.94 -10.91
N GLU B 234 10.49 8.49 -11.45
CA GLU B 234 11.20 9.60 -10.83
C GLU B 234 10.34 10.87 -10.78
N LYS B 235 10.79 11.85 -10.00
CA LYS B 235 9.97 13.01 -9.67
C LYS B 235 9.43 13.78 -10.85
N LYS B 236 10.25 13.98 -11.88
CA LYS B 236 9.85 14.82 -13.01
C LYS B 236 8.62 14.25 -13.71
N HIS B 237 8.40 12.94 -13.59
CA HIS B 237 7.29 12.31 -14.28
C HIS B 237 5.95 12.73 -13.67
N TRP B 238 5.96 13.20 -12.42
CA TRP B 238 4.71 13.53 -11.73
C TRP B 238 4.34 15.01 -11.83
N GLU B 239 5.19 15.81 -12.45
CA GLU B 239 4.93 17.24 -12.56
C GLU B 239 3.88 17.54 -13.65
N ASP B 240 2.86 18.31 -13.30
CA ASP B 240 1.80 18.69 -14.24
C ASP B 240 1.24 17.47 -14.94
N SER B 241 0.81 16.51 -14.16
CA SER B 241 0.29 15.26 -14.68
C SER B 241 -1.22 15.28 -14.82
N ILE B 242 -1.73 14.34 -15.62
CA ILE B 242 -3.09 13.89 -15.46
C ILE B 242 -2.97 12.46 -14.94
N LEU B 243 -3.37 12.28 -13.69
CA LEU B 243 -3.34 10.97 -13.08
C LEU B 243 -4.48 10.09 -13.59
N PHE B 244 -4.19 8.83 -13.84
CA PHE B 244 -5.27 7.90 -14.17
C PHE B 244 -5.21 6.67 -13.29
N PHE B 245 -6.33 6.41 -12.63
CA PHE B 245 -6.47 5.27 -11.73
C PHE B 245 -7.66 4.40 -12.07
N ALA B 246 -7.44 3.09 -12.06
CA ALA B 246 -8.51 2.10 -12.14
C ALA B 246 -8.45 1.09 -11.01
N THR B 247 -9.61 0.65 -10.50
CA THR B 247 -9.65 -0.40 -9.48
C THR B 247 -9.83 -1.76 -10.18
N SER B 248 -9.44 -2.86 -9.52
CA SER B 248 -9.38 -4.16 -10.15
CA SER B 248 -9.40 -4.14 -10.22
C SER B 248 -10.56 -5.03 -9.81
N GLU B 249 -10.44 -6.28 -10.21
CA GLU B 249 -11.49 -7.26 -10.04
C GLU B 249 -11.73 -7.66 -8.60
N ASP B 250 -10.82 -7.35 -7.69
CA ASP B 250 -11.01 -7.78 -6.31
C ASP B 250 -11.88 -6.81 -5.53
N HIS B 251 -12.33 -5.74 -6.19
CA HIS B 251 -13.15 -4.72 -5.52
C HIS B 251 -12.54 -4.22 -4.21
N PRO B 252 -11.45 -3.47 -4.28
CA PRO B 252 -10.84 -2.97 -3.04
C PRO B 252 -11.85 -2.21 -2.18
N GLU B 253 -11.83 -2.43 -0.86
CA GLU B 253 -12.74 -1.70 0.01
C GLU B 253 -12.50 -0.19 -0.11
N PRO B 254 -13.55 0.61 0.01
CA PRO B 254 -13.40 2.06 -0.15
C PRO B 254 -12.37 2.70 0.75
N SER B 255 -12.21 2.21 1.98
N SER B 255 -12.22 2.21 1.99
CA SER B 255 -11.19 2.78 2.86
CA SER B 255 -11.20 2.76 2.88
C SER B 255 -9.80 2.71 2.25
C SER B 255 -9.80 2.69 2.28
N TYR B 256 -9.49 1.65 1.50
CA TYR B 256 -8.17 1.56 0.88
C TYR B 256 -7.95 2.62 -0.18
N ILE B 257 -8.99 2.95 -0.95
CA ILE B 257 -8.88 4.04 -1.92
C ILE B 257 -8.44 5.33 -1.18
N LYS B 258 -9.06 5.57 -0.04
CA LYS B 258 -8.71 6.70 0.82
C LYS B 258 -7.26 6.66 1.28
N TYR B 259 -6.84 5.51 1.80
CA TYR B 259 -5.47 5.35 2.31
C TYR B 259 -4.45 5.57 1.19
N TRP B 260 -4.73 4.99 0.03
CA TRP B 260 -3.83 5.09 -1.09
C TRP B 260 -3.73 6.52 -1.60
N LEU B 261 -4.86 7.21 -1.68
CA LEU B 261 -4.83 8.61 -2.09
C LEU B 261 -4.18 9.51 -1.04
N ARG B 262 -4.30 9.21 0.24
CA ARG B 262 -3.58 10.00 1.23
C ARG B 262 -2.10 9.81 1.07
N ASN B 263 -1.68 8.62 0.67
CA ASN B 263 -0.26 8.43 0.38
C ASN B 263 0.21 9.22 -0.84
N TYR B 264 -0.61 9.30 -1.89
CA TYR B 264 -0.25 10.16 -3.03
C TYR B 264 -0.11 11.62 -2.60
N ALA B 265 -0.91 12.04 -1.63
CA ALA B 265 -0.77 13.38 -1.11
C ALA B 265 0.54 13.51 -0.34
N ALA B 266 0.87 12.50 0.47
CA ALA B 266 2.05 12.54 1.29
C ALA B 266 3.33 12.48 0.45
N GLN B 267 3.19 12.02 -0.79
CA GLN B 267 4.33 11.93 -1.70
C GLN B 267 4.51 13.23 -2.48
N GLY B 268 3.51 14.11 -2.41
CA GLY B 268 3.51 15.36 -3.14
C GLY B 268 2.94 15.22 -4.55
N ILE B 269 2.34 14.07 -4.84
CA ILE B 269 1.86 13.75 -6.18
C ILE B 269 0.51 14.43 -6.47
N LEU B 270 -0.42 14.41 -5.52
CA LEU B 270 -1.72 15.02 -5.79
C LEU B 270 -1.58 16.52 -5.99
N GLN B 271 -0.66 17.14 -5.24
CA GLN B 271 -0.44 18.56 -5.31
CA GLN B 271 -0.42 18.58 -5.32
C GLN B 271 0.13 18.99 -6.67
N LYS B 272 0.73 18.06 -7.40
CA LYS B 272 1.37 18.37 -8.66
C LYS B 272 0.46 18.04 -9.84
N ALA B 273 -0.64 17.35 -9.57
CA ALA B 273 -1.53 16.94 -10.63
C ALA B 273 -2.32 18.12 -11.24
N LYS B 274 -2.52 18.09 -12.55
CA LYS B 274 -3.47 18.99 -13.19
C LYS B 274 -4.92 18.49 -13.09
N GLY B 275 -5.08 17.18 -12.96
CA GLY B 275 -6.39 16.55 -12.99
C GLY B 275 -6.25 15.06 -12.78
N ILE B 276 -7.37 14.39 -12.52
CA ILE B 276 -7.41 12.95 -12.30
C ILE B 276 -8.61 12.32 -13.03
N ILE B 277 -8.42 11.13 -13.59
CA ILE B 277 -9.52 10.40 -14.20
C ILE B 277 -9.57 9.03 -13.53
N PHE B 278 -10.78 8.56 -13.30
CA PHE B 278 -10.99 7.24 -12.71
C PHE B 278 -11.77 6.35 -13.65
N GLY B 279 -11.37 5.08 -13.73
CA GLY B 279 -12.14 4.11 -14.47
C GLY B 279 -13.35 3.58 -13.73
N LYS B 280 -14.35 3.16 -14.49
CA LYS B 280 -15.52 2.47 -13.93
C LYS B 280 -15.08 1.29 -13.06
N PRO B 281 -15.61 1.17 -11.82
CA PRO B 281 -15.25 -0.01 -11.01
C PRO B 281 -15.85 -1.27 -11.56
N LYS B 282 -15.20 -2.40 -11.32
CA LYS B 282 -15.76 -3.66 -11.76
C LYS B 282 -17.15 -3.83 -11.13
N ASP B 283 -18.10 -4.21 -11.96
CA ASP B 283 -19.50 -4.40 -11.53
C ASP B 283 -20.15 -3.13 -10.99
N GLU B 284 -19.48 -2.00 -11.15
CA GLU B 284 -19.83 -0.73 -10.49
C GLU B 284 -19.93 -0.91 -8.97
N MET B 285 -19.21 -1.90 -8.43
CA MET B 285 -19.24 -2.10 -6.98
C MET B 285 -18.46 -0.95 -6.33
N TYR B 286 -19.08 -0.36 -5.31
CA TYR B 286 -18.56 0.78 -4.56
C TYR B 286 -18.54 2.05 -5.40
N TYR B 287 -19.34 2.08 -6.48
CA TYR B 287 -19.40 3.25 -7.32
C TYR B 287 -19.57 4.53 -6.51
N GLU B 288 -20.57 4.58 -5.63
CA GLU B 288 -20.80 5.80 -4.85
C GLU B 288 -19.81 5.95 -3.70
N GLU B 289 -19.49 4.86 -3.02
CA GLU B 289 -18.54 4.91 -1.90
C GLU B 289 -17.16 5.46 -2.34
N TYR B 290 -16.65 5.04 -3.49
CA TYR B 290 -15.34 5.53 -3.93
C TYR B 290 -15.40 7.05 -4.14
N LYS B 291 -16.50 7.56 -4.69
CA LYS B 291 -16.65 9.00 -4.89
C LYS B 291 -16.50 9.73 -3.59
N HIS B 292 -17.13 9.20 -2.54
CA HIS B 292 -17.10 9.82 -1.24
C HIS B 292 -15.69 9.90 -0.69
N GLU B 293 -14.95 8.81 -0.85
CA GLU B 293 -13.58 8.75 -0.38
C GLU B 293 -12.66 9.68 -1.15
N ILE B 294 -12.79 9.72 -2.47
CA ILE B 294 -11.97 10.58 -3.32
C ILE B 294 -12.20 12.04 -2.91
N LEU B 295 -13.47 12.43 -2.81
CA LEU B 295 -13.79 13.80 -2.45
C LEU B 295 -13.32 14.18 -1.05
N GLN B 296 -13.34 13.22 -0.13
CA GLN B 296 -12.90 13.49 1.23
C GLN B 296 -11.40 13.77 1.25
N VAL B 297 -10.62 12.99 0.52
CA VAL B 297 -9.18 13.19 0.53
C VAL B 297 -8.85 14.54 -0.14
N MET B 298 -9.55 14.89 -1.20
CA MET B 298 -9.33 16.22 -1.81
C MET B 298 -9.63 17.33 -0.80
N LYS B 299 -10.70 17.17 -0.03
CA LYS B 299 -11.07 18.18 0.93
C LYS B 299 -10.03 18.30 2.03
N GLU B 300 -9.51 17.15 2.46
CA GLU B 300 -8.47 17.10 3.50
C GLU B 300 -7.22 17.85 3.10
N HIS B 301 -6.93 17.91 1.81
CA HIS B 301 -5.68 18.48 1.35
C HIS B 301 -5.88 19.75 0.51
N ASN B 302 -7.03 20.41 0.67
N ASN B 302 -7.04 20.39 0.69
CA ASN B 302 -7.29 21.69 0.02
CA ASN B 302 -7.39 21.64 0.04
C ASN B 302 -7.17 21.57 -1.49
C ASN B 302 -7.16 21.54 -1.46
N LEU B 303 -7.67 20.46 -2.05
CA LEU B 303 -7.59 20.21 -3.48
C LEU B 303 -8.97 20.12 -4.12
N GLU B 304 -9.93 20.88 -3.61
CA GLU B 304 -11.31 20.74 -4.05
C GLU B 304 -11.59 21.31 -5.45
N ASP B 305 -10.64 22.06 -6.00
CA ASP B 305 -10.78 22.59 -7.36
C ASP B 305 -10.05 21.74 -8.39
N LEU B 306 -9.42 20.66 -7.95
CA LEU B 306 -8.72 19.79 -8.89
C LEU B 306 -9.72 19.04 -9.77
N PRO B 307 -9.64 19.21 -11.10
CA PRO B 307 -10.56 18.45 -11.94
C PRO B 307 -10.47 16.93 -11.79
N ILE B 308 -11.63 16.32 -11.58
CA ILE B 308 -11.70 14.87 -11.44
C ILE B 308 -12.89 14.35 -12.22
N LEU B 309 -12.58 13.49 -13.19
CA LEU B 309 -13.57 12.77 -13.99
C LEU B 309 -13.67 11.31 -13.54
N TYR B 310 -14.89 10.80 -13.53
CA TYR B 310 -15.21 9.47 -13.00
C TYR B 310 -16.05 8.69 -14.00
N ASN B 311 -15.98 7.36 -13.92
CA ASN B 311 -16.79 6.45 -14.73
C ASN B 311 -16.32 6.36 -16.18
N LEU B 312 -15.03 6.54 -16.44
CA LEU B 312 -14.49 6.33 -17.78
C LEU B 312 -14.34 4.85 -18.12
N ASN B 313 -14.39 4.54 -19.41
CA ASN B 313 -14.24 3.15 -19.86
C ASN B 313 -12.77 2.74 -20.00
N PHE B 314 -12.07 2.74 -18.88
CA PHE B 314 -10.80 2.04 -18.80
C PHE B 314 -10.85 1.35 -17.47
N GLY B 315 -10.00 0.34 -17.29
CA GLY B 315 -10.00 -0.43 -16.05
C GLY B 315 -10.54 -1.83 -16.16
N ALA B 316 -11.29 -2.23 -15.14
CA ALA B 316 -11.68 -3.62 -14.95
C ALA B 316 -12.87 -4.07 -15.81
N THR B 317 -13.62 -3.13 -16.37
CA THR B 317 -14.77 -3.50 -17.20
C THR B 317 -14.42 -3.48 -18.68
N GLU B 318 -15.31 -4.05 -19.47
CA GLU B 318 -15.26 -3.99 -20.94
C GLU B 318 -16.44 -3.20 -21.45
N PRO B 319 -16.26 -2.42 -22.55
CA PRO B 319 -15.07 -2.26 -23.39
C PRO B 319 -14.07 -1.23 -22.85
N LYS B 320 -12.95 -1.02 -23.56
CA LYS B 320 -11.90 -0.11 -23.10
C LYS B 320 -11.38 0.82 -24.17
N PHE B 321 -10.99 2.03 -23.75
CA PHE B 321 -10.08 2.80 -24.56
C PHE B 321 -8.65 2.63 -24.00
N ILE B 322 -7.68 3.28 -24.65
CA ILE B 322 -6.27 3.08 -24.34
C ILE B 322 -5.62 4.37 -23.84
N LEU B 323 -4.84 4.25 -22.77
CA LEU B 323 -4.08 5.37 -22.23
C LEU B 323 -2.59 5.20 -22.51
N PRO B 324 -2.02 6.00 -23.44
CA PRO B 324 -0.56 5.97 -23.60
C PRO B 324 0.13 6.73 -22.48
N TYR B 325 1.07 6.10 -21.81
CA TYR B 325 1.78 6.75 -20.73
C TYR B 325 2.50 7.96 -21.29
N GLY B 326 2.39 9.05 -20.55
CA GLY B 326 3.12 10.27 -20.85
C GLY B 326 2.53 11.15 -21.93
N SER B 327 1.46 10.72 -22.58
CA SER B 327 0.87 11.55 -23.64
C SER B 327 0.10 12.72 -23.02
N MET B 328 0.07 13.82 -23.74
CA MET B 328 -0.66 14.99 -23.27
C MET B 328 -2.16 14.77 -23.40
N ALA B 329 -2.88 15.00 -22.30
CA ALA B 329 -4.32 14.79 -22.27
C ALA B 329 -5.03 16.00 -21.67
N GLU B 330 -6.35 16.01 -21.76
CA GLU B 330 -7.17 17.18 -21.40
C GLU B 330 -8.44 16.74 -20.67
N ILE B 331 -8.73 17.41 -19.57
CA ILE B 331 -10.03 17.32 -18.91
C ILE B 331 -10.68 18.66 -19.08
N ASP B 332 -11.84 18.70 -19.74
CA ASP B 332 -12.61 19.92 -19.92
C ASP B 332 -13.83 19.84 -19.02
N CYS B 333 -13.84 20.59 -17.92
CA CYS B 333 -14.88 20.41 -16.91
C CYS B 333 -16.25 20.91 -17.40
N GLU B 334 -16.28 22.05 -18.08
CA GLU B 334 -17.54 22.61 -18.53
C GLU B 334 -18.28 21.66 -19.47
N ASN B 335 -17.52 20.94 -20.29
CA ASN B 335 -18.12 20.01 -21.24
C ASN B 335 -18.10 18.56 -20.76
N GLY B 336 -17.46 18.32 -19.62
CA GLY B 336 -17.37 16.97 -19.07
C GLY B 336 -16.66 15.99 -19.98
N SER B 337 -15.61 16.44 -20.65
CA SER B 337 -14.96 15.64 -21.67
C SER B 337 -13.51 15.33 -21.35
N PHE B 338 -13.04 14.27 -21.98
CA PHE B 338 -11.66 13.81 -21.89
C PHE B 338 -11.11 13.64 -23.31
N SER B 339 -9.92 14.18 -23.53
CA SER B 339 -9.27 14.04 -24.83
C SER B 339 -7.80 13.72 -24.67
N ILE B 340 -7.25 13.02 -25.67
CA ILE B 340 -5.80 12.84 -25.75
C ILE B 340 -5.28 13.67 -26.93
N LEU B 341 -4.40 14.62 -26.60
CA LEU B 341 -4.04 15.68 -27.54
C LEU B 341 -2.76 15.40 -28.37
N GLU B 342 -2.44 14.14 -28.54
CA GLU B 342 -1.42 13.73 -29.49
C GLU B 342 -1.75 12.32 -29.95
N SER B 343 -0.93 11.79 -30.83
CA SER B 343 -1.05 10.40 -31.30
C SER B 343 -0.44 9.46 -30.27
N GLY B 344 -0.86 8.20 -30.29
CA GLY B 344 -0.25 7.18 -29.45
C GLY B 344 1.05 6.64 -30.04
N VAL B 345 1.18 6.72 -31.36
CA VAL B 345 2.32 6.17 -32.08
C VAL B 345 2.87 7.15 -33.12
N GLU B 346 4.10 6.91 -33.56
CA GLU B 346 4.76 7.71 -34.59
C GLU B 346 4.56 7.09 -35.96
#